data_4CU4
#
_entry.id   4CU4
#
_cell.length_a   95.980
_cell.length_b   277.050
_cell.length_c   106.760
_cell.angle_alpha   90.00
_cell.angle_beta   90.00
_cell.angle_gamma   90.00
#
_symmetry.space_group_name_H-M   'C 2 2 21'
#
loop_
_entity.id
_entity.type
_entity.pdbx_description
1 polymer 'FERRICHROME-IRON RECEPTOR'
2 polymer 'MICROCIN J25'
3 branched 'L-glycero-alpha-D-manno-heptopyranose-(1-3)-L-glycero-alpha-D-manno-heptopyranose-(1-5)-[3-deoxy-alpha-D-manno-oct-2-ulopyranosonic acid-(2-4)]3-deoxy-alpha-D-manno-oct-2-ulopyranosonic acid-(2-6)-2-amino-2-deoxy-beta-D-glucopyranose-(1-6)-2-amino-2-deoxy-alpha-D-glucopyranose'
4 non-polymer '3-HYDROXY-TETRADECANOIC ACID'
5 non-polymer 'LAURIC ACID'
6 non-polymer 'MYRISTIC ACID'
7 non-polymer 'LAURYL DIMETHYLAMINE-N-OXIDE'
8 non-polymer 1,2-DIACYL-GLYCEROL-3-SN-PHOSPHATE
9 non-polymer DIPHOSPHATE
10 non-polymer 'PHOSPHATE ION'
11 water water
#
loop_
_entity_poly.entity_id
_entity_poly.type
_entity_poly.pdbx_seq_one_letter_code
_entity_poly.pdbx_strand_id
1 'polypeptide(L)'
;SAWGPAATIAARQSATGTKTDTPIQKVPQSISVVTAEEMALHQPKSVKEALSYTPGVSVGTRGASNTYDHLIIRGFAAEG
QSQNNYLNGLKLQGNFYNDAVIDPYMLERAEIMRGPVSVLYGKSSPGGLLNMVSKRPTTEPLKEVQFKAGTDSLFQTGFD
FSDSLDDDGVYSYRLTGLARSANAQQKGSEEQRYAIAPAFTWRPDDKTNFTFLSYFQNEPETGYYGWLPKEGTVEPLPNG
KRLPTDFNEGAKNNTYSRNEKMVGYSFDHEFNDTFTVRQNLRFAENKTSQNSVYGYGVCSDPANAYSKQCAALAPADKGH
YLARKYVVDDEKLQNFSVDTQLQSKFATGDIDHTLLTGVDFMRMRNDINAWFGYDDSVPLLNLYNPSSHHHHHHGSSVNT
DFDFNAKDPANSGPYRILNKQKQTGVYVQDQAQWDKVLVTLGGRYDWADQESLNRVAGTTDKRDDKQFTWRGGVNYLFDN
GVTPYFSYSESFEPSSQVGKDGNIFAPSKGKQYEVGVKYVPEDRPIVVTGAVYNLTKTNNLMADPEGSFFSVEGGEIRAR
GVEIEAKAALSASVNVVGSYTYTDAEYTTDTTYKGNTPAQVPKHMASLWADYTFFDGPLSGLTLGTGGRYTGSSYGDPAN
SFKVGSYTVVDALVRYDLARVGMAGSNVALHVNNLFDREYVASCFNTYGCFWGAERQVVATATFRF
;
A
2 'polypeptide(L)' GGAGHVPEYFVGIGTPISFYG B
#
loop_
_chem_comp.id
_chem_comp.type
_chem_comp.name
_chem_comp.formula
3PH non-polymer 1,2-DIACYL-GLYCEROL-3-SN-PHOSPHATE 'C39 H77 O8 P'
DAO non-polymer 'LAURIC ACID' 'C12 H24 O2'
DPO non-polymer DIPHOSPHATE 'O7 P2 -4'
FTT non-polymer '3-HYDROXY-TETRADECANOIC ACID' 'C14 H28 O3'
GCS D-saccharide, beta linking 2-amino-2-deoxy-beta-D-glucopyranose 'C6 H13 N O5'
GMH D-saccharide, alpha linking L-glycero-alpha-D-manno-heptopyranose 'C7 H14 O7'
KDO D-saccharide, alpha linking '3-deoxy-alpha-D-manno-oct-2-ulopyranosonic acid' 'C8 H14 O8'
LDA non-polymer 'LAURYL DIMETHYLAMINE-N-OXIDE' 'C14 H31 N O'
MYR non-polymer 'MYRISTIC ACID' 'C14 H28 O2'
PA1 D-saccharide, alpha linking 2-amino-2-deoxy-alpha-D-glucopyranose 'C6 H13 N O5'
PO4 non-polymer 'PHOSPHATE ION' 'O4 P -3'
#
# COMPACT_ATOMS: atom_id res chain seq x y z
N SER A 1 -3.30 28.67 5.52
CA SER A 1 -3.53 27.43 4.78
C SER A 1 -2.18 26.69 4.55
N ALA A 2 -1.67 26.00 5.60
CA ALA A 2 -0.39 25.25 5.67
C ALA A 2 -0.21 24.23 4.54
N TRP A 3 -1.30 23.57 4.09
CA TRP A 3 -1.30 22.56 3.03
C TRP A 3 -0.86 23.11 1.65
N GLY A 4 -1.09 24.41 1.41
CA GLY A 4 -0.74 25.12 0.17
C GLY A 4 0.74 25.05 -0.21
N PRO A 5 1.65 25.70 0.57
CA PRO A 5 3.10 25.63 0.24
C PRO A 5 3.72 24.26 0.54
N ALA A 6 3.06 23.45 1.40
CA ALA A 6 3.51 22.10 1.75
C ALA A 6 3.47 21.22 0.50
N ALA A 7 2.30 21.19 -0.21
CA ALA A 7 2.07 20.45 -1.45
C ALA A 7 2.88 20.97 -2.62
N THR A 8 3.33 22.24 -2.58
CA THR A 8 4.06 22.79 -3.73
C THR A 8 5.56 23.04 -3.51
N ILE A 9 6.02 23.38 -2.28
CA ILE A 9 7.43 23.68 -2.01
C ILE A 9 8.05 22.63 -1.10
N ALA A 10 7.48 22.38 0.11
CA ALA A 10 8.02 21.39 1.06
C ALA A 10 8.13 19.97 0.42
N ALA A 11 7.18 19.63 -0.48
CA ALA A 11 7.09 18.36 -1.21
C ALA A 11 8.05 18.29 -2.41
N ARG A 12 8.95 19.28 -2.59
CA ARG A 12 9.96 19.24 -3.68
C ARG A 12 11.16 18.40 -3.23
N GLN A 13 11.37 18.31 -1.91
CA GLN A 13 12.47 17.54 -1.32
C GLN A 13 12.05 16.09 -1.14
N SER A 14 12.96 15.15 -1.39
CA SER A 14 12.67 13.73 -1.26
C SER A 14 13.96 12.97 -1.00
N ALA A 15 13.85 11.74 -0.49
CA ALA A 15 15.00 10.88 -0.27
C ALA A 15 14.73 9.46 -0.73
N THR A 16 13.48 9.12 -1.02
CA THR A 16 13.07 7.76 -1.35
C THR A 16 13.64 7.26 -2.70
N GLY A 17 13.70 8.11 -3.72
CA GLY A 17 14.20 7.66 -5.00
C GLY A 17 15.71 7.59 -5.13
N THR A 18 16.44 8.19 -4.19
CA THR A 18 17.91 8.30 -4.29
C THR A 18 18.66 7.92 -3.04
N LYS A 19 17.98 7.89 -1.89
CA LYS A 19 18.53 7.59 -0.56
C LYS A 19 19.42 8.77 -0.08
N THR A 20 19.60 9.78 -0.94
CA THR A 20 20.24 11.07 -0.65
C THR A 20 19.09 12.06 -0.66
N ASP A 21 19.21 13.23 0.03
CA ASP A 21 18.15 14.23 0.01
C ASP A 21 18.30 14.96 -1.33
N THR A 22 17.44 14.65 -2.29
CA THR A 22 17.50 15.16 -3.69
C THR A 22 16.17 15.81 -4.07
N PRO A 23 16.15 17.02 -4.69
CA PRO A 23 14.86 17.60 -5.12
C PRO A 23 14.24 16.70 -6.21
N ILE A 24 12.89 16.69 -6.29
CA ILE A 24 12.16 15.79 -7.18
C ILE A 24 12.57 15.94 -8.64
N GLN A 25 12.93 17.16 -9.11
CA GLN A 25 13.32 17.40 -10.50
C GLN A 25 14.69 16.82 -10.77
N LYS A 26 15.46 16.54 -9.73
CA LYS A 26 16.77 15.93 -9.91
C LYS A 26 16.72 14.36 -9.78
N VAL A 27 15.52 13.78 -9.52
CA VAL A 27 15.29 12.31 -9.43
C VAL A 27 14.95 11.81 -10.86
N PRO A 28 15.68 10.81 -11.43
CA PRO A 28 15.40 10.38 -12.81
C PRO A 28 14.29 9.31 -12.90
N GLN A 29 13.33 9.34 -11.99
CA GLN A 29 12.20 8.43 -11.94
C GLN A 29 11.01 9.17 -11.39
N SER A 30 9.82 8.57 -11.52
CA SER A 30 8.56 9.12 -11.04
C SER A 30 8.42 8.91 -9.52
N ILE A 31 8.12 10.00 -8.79
CA ILE A 31 7.97 10.01 -7.34
C ILE A 31 6.93 11.09 -6.95
N SER A 32 6.08 10.80 -5.94
CA SER A 32 5.07 11.71 -5.41
C SER A 32 5.22 11.78 -3.93
N VAL A 33 4.94 12.96 -3.37
CA VAL A 33 5.10 13.26 -1.95
C VAL A 33 3.82 13.83 -1.40
N VAL A 34 3.31 13.24 -0.32
CA VAL A 34 2.14 13.73 0.39
C VAL A 34 2.64 14.19 1.75
N THR A 35 2.47 15.48 2.11
CA THR A 35 2.95 16.06 3.39
C THR A 35 1.97 15.82 4.53
N ALA A 36 2.40 16.06 5.78
CA ALA A 36 1.54 15.91 6.95
C ALA A 36 0.40 16.93 6.92
N GLU A 37 0.65 18.11 6.32
CA GLU A 37 -0.29 19.25 6.16
C GLU A 37 -1.41 18.86 5.22
N GLU A 38 -1.08 18.16 4.10
CA GLU A 38 -2.10 17.68 3.15
C GLU A 38 -2.96 16.60 3.82
N MET A 39 -2.33 15.79 4.70
CA MET A 39 -2.99 14.70 5.43
C MET A 39 -3.83 15.26 6.56
N ALA A 40 -3.42 16.40 7.13
CA ALA A 40 -4.21 17.11 8.16
C ALA A 40 -5.46 17.74 7.50
N LEU A 41 -5.34 18.24 6.25
CA LEU A 41 -6.48 18.83 5.53
C LEU A 41 -7.47 17.75 5.14
N HIS A 42 -7.00 16.73 4.40
CA HIS A 42 -7.87 15.67 3.88
C HIS A 42 -8.33 14.64 4.90
N GLN A 43 -7.66 14.51 6.06
CA GLN A 43 -7.95 13.50 7.10
C GLN A 43 -8.16 12.08 6.48
N PRO A 44 -7.15 11.51 5.76
CA PRO A 44 -7.36 10.19 5.12
C PRO A 44 -7.49 9.07 6.17
N LYS A 45 -8.46 8.15 5.99
CA LYS A 45 -8.68 7.01 6.90
C LYS A 45 -7.40 6.15 7.04
N SER A 46 -6.70 6.00 5.91
CA SER A 46 -5.43 5.31 5.83
C SER A 46 -4.49 6.03 4.82
N VAL A 47 -3.23 5.54 4.74
CA VAL A 47 -2.18 6.03 3.85
C VAL A 47 -2.61 5.89 2.39
N LYS A 48 -3.49 4.93 2.07
CA LYS A 48 -3.91 4.76 0.69
C LYS A 48 -4.73 5.96 0.18
N GLU A 49 -5.67 6.48 0.98
CA GLU A 49 -6.48 7.64 0.60
C GLU A 49 -5.64 8.91 0.48
N ALA A 50 -4.54 8.99 1.23
CA ALA A 50 -3.59 10.08 1.17
C ALA A 50 -2.96 10.22 -0.23
N LEU A 51 -2.94 9.11 -1.04
CA LEU A 51 -2.33 9.03 -2.38
C LEU A 51 -3.33 9.11 -3.51
N SER A 52 -4.62 9.36 -3.19
CA SER A 52 -5.76 9.43 -4.13
C SER A 52 -5.57 10.39 -5.28
N TYR A 53 -4.79 11.46 -5.05
CA TYR A 53 -4.60 12.50 -6.06
C TYR A 53 -3.26 12.37 -6.80
N THR A 54 -2.53 11.28 -6.55
CA THR A 54 -1.25 11.02 -7.25
C THR A 54 -1.51 10.04 -8.41
N PRO A 55 -0.77 10.09 -9.54
CA PRO A 55 -1.06 9.16 -10.64
C PRO A 55 -0.46 7.74 -10.46
N GLY A 56 -0.95 6.80 -11.27
CA GLY A 56 -0.42 5.44 -11.34
C GLY A 56 -0.55 4.47 -10.19
N VAL A 57 -1.48 4.70 -9.25
CA VAL A 57 -1.86 3.86 -8.10
C VAL A 57 -3.37 3.63 -8.11
N SER A 58 -3.78 2.43 -7.66
CA SER A 58 -5.16 2.05 -7.39
C SER A 58 -5.26 1.93 -5.90
N VAL A 59 -5.76 2.97 -5.26
CA VAL A 59 -5.85 3.03 -3.80
C VAL A 59 -7.18 2.46 -3.29
N GLY A 60 -8.17 2.22 -4.17
CA GLY A 60 -9.50 1.78 -3.72
C GLY A 60 -9.97 0.40 -4.13
N THR A 61 -9.06 -0.40 -4.72
CA THR A 61 -9.29 -1.75 -5.24
C THR A 61 -10.19 -2.64 -4.32
N ARG A 62 -9.92 -2.67 -2.99
CA ARG A 62 -10.63 -3.52 -2.02
C ARG A 62 -11.96 -2.92 -1.50
N GLY A 63 -12.38 -1.74 -2.00
CA GLY A 63 -13.64 -1.15 -1.57
C GLY A 63 -13.63 -0.75 -0.11
N ALA A 64 -14.73 -1.00 0.60
CA ALA A 64 -14.95 -0.60 2.00
C ALA A 64 -13.93 -1.11 3.00
N SER A 65 -13.33 -2.30 2.81
CA SER A 65 -12.31 -2.91 3.71
C SER A 65 -11.13 -1.98 3.98
N ASN A 66 -10.62 -1.93 5.24
CA ASN A 66 -9.46 -1.14 5.67
C ASN A 66 -8.40 -2.01 6.48
N THR A 67 -8.42 -3.33 6.26
CA THR A 67 -7.51 -4.28 6.92
C THR A 67 -6.02 -4.02 6.55
N TYR A 68 -5.74 -3.83 5.24
CA TYR A 68 -4.39 -3.62 4.75
C TYR A 68 -4.27 -2.44 3.77
N ASP A 69 -3.00 -2.00 3.58
CA ASP A 69 -2.63 -0.91 2.71
C ASP A 69 -2.00 -1.45 1.47
N HIS A 70 -2.80 -2.27 0.75
CA HIS A 70 -2.40 -2.90 -0.51
CA HIS A 70 -2.40 -2.90 -0.51
C HIS A 70 -2.58 -1.87 -1.62
N LEU A 71 -1.60 -1.76 -2.54
CA LEU A 71 -1.66 -0.80 -3.63
C LEU A 71 -1.33 -1.45 -4.96
N ILE A 72 -2.06 -1.11 -6.02
CA ILE A 72 -1.68 -1.64 -7.34
C ILE A 72 -1.03 -0.46 -8.07
N ILE A 73 0.32 -0.54 -8.21
CA ILE A 73 1.16 0.53 -8.78
C ILE A 73 1.58 0.11 -10.18
N ARG A 74 1.23 0.94 -11.19
CA ARG A 74 1.53 0.72 -12.60
C ARG A 74 1.11 -0.70 -13.11
N GLY A 75 -0.03 -1.19 -12.59
CA GLY A 75 -0.60 -2.49 -12.94
C GLY A 75 -0.08 -3.68 -12.12
N PHE A 76 0.85 -3.43 -11.16
CA PHE A 76 1.47 -4.50 -10.40
C PHE A 76 1.34 -4.37 -8.88
N ALA A 77 1.30 -5.56 -8.23
CA ALA A 77 1.27 -5.82 -6.79
C ALA A 77 2.49 -6.71 -6.45
N ALA A 78 2.92 -6.79 -5.17
CA ALA A 78 4.09 -7.62 -4.77
C ALA A 78 3.77 -9.12 -4.83
N GLU A 79 4.82 -9.95 -4.98
CA GLU A 79 4.74 -11.42 -4.99
C GLU A 79 3.82 -11.86 -3.84
N GLY A 80 2.85 -12.71 -4.17
CA GLY A 80 1.91 -13.24 -3.20
C GLY A 80 0.93 -12.24 -2.63
N GLN A 81 0.74 -11.10 -3.35
CA GLN A 81 -0.19 -9.99 -3.05
C GLN A 81 0.06 -9.42 -1.66
N SER A 82 1.32 -9.40 -1.26
CA SER A 82 1.74 -8.79 -0.01
C SER A 82 1.90 -7.30 -0.26
N GLN A 83 1.94 -6.51 0.83
CA GLN A 83 2.24 -5.09 0.69
C GLN A 83 3.73 -4.94 0.30
N ASN A 84 4.07 -3.83 -0.37
CA ASN A 84 5.47 -3.46 -0.63
C ASN A 84 5.64 -2.05 -0.02
N ASN A 85 5.50 -1.99 1.33
CA ASN A 85 5.49 -0.78 2.14
C ASN A 85 6.68 -0.71 3.08
N TYR A 86 7.27 0.50 3.11
CA TYR A 86 8.45 0.90 3.88
C TYR A 86 8.08 1.95 4.88
N LEU A 87 8.82 1.95 5.97
CA LEU A 87 8.69 2.93 7.05
C LEU A 87 10.07 3.42 7.38
N ASN A 88 10.31 4.73 7.19
CA ASN A 88 11.58 5.41 7.49
C ASN A 88 12.72 4.76 6.74
N GLY A 89 12.50 4.41 5.45
CA GLY A 89 13.50 3.79 4.59
C GLY A 89 13.84 2.34 4.87
N LEU A 90 12.98 1.61 5.61
CA LEU A 90 13.15 0.19 5.97
C LEU A 90 11.85 -0.54 5.71
N LYS A 91 11.91 -1.75 5.14
CA LYS A 91 10.71 -2.53 4.75
C LYS A 91 9.95 -3.00 5.94
N LEU A 92 8.61 -2.83 5.88
CA LEU A 92 7.68 -3.41 6.86
C LEU A 92 7.44 -4.79 6.28
N GLN A 93 8.36 -5.71 6.59
CA GLN A 93 8.33 -7.01 5.92
C GLN A 93 7.25 -7.97 6.49
N GLY A 94 6.35 -8.33 5.59
CA GLY A 94 5.22 -9.19 5.88
C GLY A 94 5.26 -10.53 5.20
N ASN A 95 4.33 -11.38 5.57
CA ASN A 95 4.19 -12.72 5.03
C ASN A 95 2.80 -13.21 5.34
N PHE A 96 2.13 -13.81 4.33
CA PHE A 96 0.76 -14.36 4.41
C PHE A 96 -0.18 -13.25 4.93
N TYR A 97 -1.06 -13.48 5.91
CA TYR A 97 -1.93 -12.40 6.42
C TYR A 97 -1.19 -11.45 7.39
N ASN A 98 0.06 -11.79 7.78
CA ASN A 98 0.79 -11.01 8.77
C ASN A 98 1.56 -9.83 8.06
N ASP A 99 0.82 -8.73 7.83
CA ASP A 99 1.24 -7.47 7.20
C ASP A 99 0.83 -6.31 8.14
N ALA A 100 1.75 -5.37 8.34
CA ALA A 100 1.61 -4.23 9.26
C ALA A 100 1.12 -2.96 8.59
N VAL A 101 0.35 -2.13 9.34
CA VAL A 101 -0.13 -0.82 8.86
C VAL A 101 0.23 0.25 9.86
N ILE A 102 0.50 1.47 9.38
CA ILE A 102 0.80 2.63 10.23
C ILE A 102 -0.32 3.64 10.03
N ASP A 103 -0.96 4.09 11.13
CA ASP A 103 -2.02 5.09 11.05
C ASP A 103 -1.49 6.43 10.51
N PRO A 104 -2.19 7.06 9.52
CA PRO A 104 -1.73 8.36 8.99
C PRO A 104 -1.54 9.45 10.05
N TYR A 105 -2.23 9.39 11.22
CA TYR A 105 -2.03 10.36 12.30
C TYR A 105 -0.61 10.29 12.87
N MET A 106 0.08 9.17 12.65
CA MET A 106 1.43 9.01 13.19
C MET A 106 2.51 9.34 12.17
N LEU A 107 2.10 9.80 10.95
CA LEU A 107 3.09 10.06 9.90
C LEU A 107 3.40 11.55 9.63
N GLU A 108 4.68 11.82 9.27
CA GLU A 108 5.19 13.12 8.86
CA GLU A 108 5.16 13.13 8.86
C GLU A 108 4.95 13.27 7.36
N ARG A 109 5.13 12.17 6.59
CA ARG A 109 4.88 12.17 5.14
C ARG A 109 4.83 10.75 4.59
N ALA A 110 4.40 10.65 3.34
CA ALA A 110 4.40 9.43 2.56
C ALA A 110 4.92 9.79 1.18
N GLU A 111 5.90 8.99 0.69
CA GLU A 111 6.49 9.17 -0.64
C GLU A 111 6.27 7.89 -1.41
N ILE A 112 5.82 7.98 -2.67
CA ILE A 112 5.58 6.80 -3.49
C ILE A 112 6.51 6.83 -4.70
N MET A 113 7.18 5.71 -4.90
CA MET A 113 8.12 5.46 -5.97
C MET A 113 7.45 4.54 -7.00
N ARG A 114 7.39 4.99 -8.25
CA ARG A 114 6.78 4.21 -9.32
C ARG A 114 7.84 3.59 -10.19
N GLY A 115 7.69 2.29 -10.41
CA GLY A 115 8.61 1.52 -11.23
C GLY A 115 9.64 0.81 -10.38
N PRO A 116 10.56 0.08 -11.06
CA PRO A 116 11.57 -0.70 -10.35
C PRO A 116 12.57 0.16 -9.57
N VAL A 117 12.82 -0.21 -8.28
CA VAL A 117 13.76 0.49 -7.39
C VAL A 117 14.60 -0.51 -6.59
N SER A 118 14.88 -1.66 -7.17
CA SER A 118 15.72 -2.70 -6.55
C SER A 118 17.15 -2.20 -6.35
N VAL A 119 17.60 -1.33 -7.28
CA VAL A 119 18.93 -0.69 -7.29
C VAL A 119 19.27 -0.07 -5.90
N LEU A 120 18.25 0.29 -5.09
CA LEU A 120 18.52 0.85 -3.78
C LEU A 120 17.93 0.05 -2.63
N TYR A 121 16.91 -0.80 -2.93
CA TYR A 121 16.11 -1.47 -1.91
C TYR A 121 16.10 -2.98 -1.91
N GLY A 122 16.69 -3.60 -2.93
CA GLY A 122 16.73 -5.05 -3.06
C GLY A 122 15.46 -5.58 -3.70
N LYS A 123 15.05 -6.81 -3.34
CA LYS A 123 13.84 -7.45 -3.85
C LYS A 123 12.67 -6.47 -3.61
N SER A 124 11.95 -6.17 -4.71
CA SER A 124 10.86 -5.22 -4.73
C SER A 124 9.95 -5.49 -5.95
N SER A 125 8.66 -5.09 -5.86
CA SER A 125 7.66 -5.26 -6.93
C SER A 125 8.09 -4.45 -8.18
N PRO A 126 7.78 -4.85 -9.44
CA PRO A 126 8.18 -3.99 -10.57
C PRO A 126 7.37 -2.71 -10.60
N GLY A 127 6.20 -2.74 -9.98
CA GLY A 127 5.26 -1.63 -9.95
C GLY A 127 5.74 -0.40 -9.21
N GLY A 128 6.35 -0.66 -8.05
CA GLY A 128 6.87 0.42 -7.23
C GLY A 128 6.94 0.08 -5.77
N LEU A 129 6.99 1.14 -4.98
CA LEU A 129 7.25 1.11 -3.54
C LEU A 129 6.58 2.30 -2.86
N LEU A 130 6.12 2.11 -1.60
CA LEU A 130 5.60 3.16 -0.75
C LEU A 130 6.53 3.27 0.42
N ASN A 131 6.99 4.51 0.74
CA ASN A 131 7.81 4.77 1.92
C ASN A 131 7.13 5.82 2.81
N MET A 132 6.82 5.45 4.06
CA MET A 132 6.19 6.35 5.03
C MET A 132 7.25 6.91 5.97
N VAL A 133 7.02 8.12 6.54
CA VAL A 133 7.98 8.78 7.45
C VAL A 133 7.28 9.07 8.77
N SER A 134 7.81 8.53 9.86
CA SER A 134 7.25 8.73 11.20
C SER A 134 7.42 10.18 11.68
N LYS A 135 6.42 10.67 12.42
CA LYS A 135 6.44 11.96 13.09
C LYS A 135 7.66 11.96 14.00
N ARG A 136 8.47 13.03 13.90
CA ARG A 136 9.71 13.26 14.63
C ARG A 136 9.56 14.32 15.70
N PRO A 137 10.30 14.24 16.84
CA PRO A 137 10.27 15.33 17.82
C PRO A 137 10.51 16.69 17.15
N THR A 138 9.63 17.66 17.46
CA THR A 138 9.68 19.02 16.90
C THR A 138 10.58 19.95 17.71
N THR A 139 10.98 21.06 17.04
CA THR A 139 11.77 22.18 17.55
C THR A 139 10.90 22.94 18.57
N GLU A 140 9.83 23.58 18.05
CA GLU A 140 8.83 24.30 18.82
C GLU A 140 7.91 23.31 19.57
N PRO A 141 7.43 23.61 20.80
CA PRO A 141 6.56 22.67 21.50
C PRO A 141 5.19 22.51 20.83
N LEU A 142 4.62 21.31 20.94
CA LEU A 142 3.34 20.92 20.38
C LEU A 142 2.54 20.24 21.46
N LYS A 143 1.29 20.65 21.61
CA LYS A 143 0.35 20.12 22.59
C LYS A 143 -1.01 20.00 21.93
N GLU A 144 -1.14 18.99 21.05
CA GLU A 144 -2.36 18.73 20.30
C GLU A 144 -3.18 17.60 20.93
N VAL A 145 -4.50 17.78 20.96
CA VAL A 145 -5.51 16.83 21.41
C VAL A 145 -6.63 16.93 20.36
N GLN A 146 -7.07 15.81 19.80
CA GLN A 146 -8.04 15.74 18.69
C GLN A 146 -9.21 14.79 19.02
N PHE A 147 -10.43 15.10 18.52
CA PHE A 147 -11.63 14.28 18.72
C PHE A 147 -12.41 14.17 17.44
N LYS A 148 -12.87 12.96 17.13
CA LYS A 148 -13.65 12.67 15.93
C LYS A 148 -14.91 11.93 16.31
N ALA A 149 -15.95 12.13 15.50
CA ALA A 149 -17.25 11.47 15.61
C ALA A 149 -17.91 11.55 14.26
N GLY A 150 -18.30 10.40 13.71
CA GLY A 150 -18.93 10.38 12.39
C GLY A 150 -19.94 9.28 12.23
N THR A 151 -20.29 9.00 10.94
CA THR A 151 -21.18 7.92 10.48
C THR A 151 -20.69 6.55 11.00
N ASP A 152 -21.56 5.50 10.91
CA ASP A 152 -21.33 4.11 11.33
C ASP A 152 -20.67 4.04 12.73
N SER A 153 -21.17 4.84 13.69
CA SER A 153 -20.69 4.93 15.08
C SER A 153 -19.16 5.18 15.18
N LEU A 154 -18.60 6.02 14.28
CA LEU A 154 -17.17 6.35 14.33
C LEU A 154 -16.88 7.25 15.54
N PHE A 155 -15.84 6.90 16.31
CA PHE A 155 -15.34 7.63 17.49
C PHE A 155 -13.82 7.55 17.59
N GLN A 156 -13.16 8.70 17.69
CA GLN A 156 -11.70 8.75 17.82
C GLN A 156 -11.26 9.85 18.75
N THR A 157 -10.28 9.54 19.60
CA THR A 157 -9.60 10.49 20.48
C THR A 157 -8.10 10.34 20.20
N GLY A 158 -7.45 11.42 19.79
CA GLY A 158 -6.03 11.41 19.51
C GLY A 158 -5.28 12.49 20.26
N PHE A 159 -3.97 12.31 20.44
CA PHE A 159 -3.13 13.31 21.08
C PHE A 159 -1.75 13.28 20.43
N ASP A 160 -1.08 14.44 20.36
CA ASP A 160 0.24 14.58 19.73
C ASP A 160 1.05 15.62 20.52
N PHE A 161 2.01 15.15 21.34
CA PHE A 161 2.80 15.99 22.24
C PHE A 161 4.30 15.92 21.92
N SER A 162 4.97 17.08 21.85
CA SER A 162 6.41 17.17 21.56
C SER A 162 7.04 18.39 22.23
N ASP A 163 8.32 18.26 22.67
CA ASP A 163 9.05 19.36 23.35
C ASP A 163 10.52 18.98 23.61
N SER A 164 11.35 19.97 23.96
CA SER A 164 12.74 19.76 24.41
C SER A 164 12.69 19.41 25.88
N LEU A 165 13.69 18.68 26.39
CA LEU A 165 13.80 18.38 27.83
C LEU A 165 14.76 19.37 28.49
N ASP A 166 15.80 19.77 27.75
CA ASP A 166 16.83 20.74 28.12
C ASP A 166 16.51 22.08 27.43
N ASP A 167 17.22 23.15 27.79
CA ASP A 167 17.00 24.48 27.22
C ASP A 167 17.63 24.65 25.84
N ASP A 168 18.75 23.94 25.55
CA ASP A 168 19.41 24.04 24.25
C ASP A 168 18.73 23.19 23.17
N GLY A 169 17.77 22.35 23.58
CA GLY A 169 16.99 21.48 22.70
C GLY A 169 17.78 20.31 22.16
N VAL A 170 18.83 19.90 22.88
CA VAL A 170 19.68 18.79 22.44
C VAL A 170 18.94 17.44 22.73
N TYR A 171 17.98 17.42 23.67
CA TYR A 171 17.14 16.26 24.00
C TYR A 171 15.69 16.62 23.78
N SER A 172 15.01 15.96 22.83
CA SER A 172 13.60 16.24 22.58
C SER A 172 12.85 14.93 22.46
N TYR A 173 11.54 14.97 22.66
CA TYR A 173 10.67 13.80 22.62
C TYR A 173 9.43 14.10 21.83
N ARG A 174 8.71 13.04 21.44
CA ARG A 174 7.39 13.11 20.81
C ARG A 174 6.59 11.91 21.27
N LEU A 175 5.29 12.12 21.48
CA LEU A 175 4.39 11.05 21.89
C LEU A 175 3.06 11.29 21.24
N THR A 176 2.71 10.39 20.30
CA THR A 176 1.48 10.44 19.52
C THR A 176 0.68 9.21 19.84
N GLY A 177 -0.63 9.37 20.05
CA GLY A 177 -1.49 8.27 20.43
C GLY A 177 -2.87 8.41 19.85
N LEU A 178 -3.63 7.31 19.81
CA LEU A 178 -5.01 7.33 19.33
C LEU A 178 -5.76 6.11 19.77
N ALA A 179 -7.06 6.28 19.92
CA ALA A 179 -8.03 5.26 20.20
C ALA A 179 -9.18 5.50 19.24
N ARG A 180 -9.52 4.49 18.41
CA ARG A 180 -10.56 4.52 17.38
C ARG A 180 -11.49 3.33 17.55
N SER A 181 -12.76 3.56 17.22
CA SER A 181 -13.86 2.62 17.24
C SER A 181 -14.86 3.01 16.15
N ALA A 182 -15.34 2.03 15.42
CA ALA A 182 -16.33 2.21 14.37
C ALA A 182 -16.88 0.87 13.95
N ASN A 183 -17.99 0.92 13.24
CA ASN A 183 -18.58 -0.23 12.64
C ASN A 183 -18.17 -0.23 11.21
N ALA A 184 -17.99 -1.41 10.63
CA ALA A 184 -17.70 -1.48 9.23
C ALA A 184 -18.98 -1.22 8.48
N GLN A 185 -18.85 -0.94 7.18
CA GLN A 185 -19.99 -0.75 6.31
C GLN A 185 -20.89 -1.98 6.42
N GLN A 186 -20.31 -3.20 6.32
CA GLN A 186 -20.98 -4.52 6.39
C GLN A 186 -21.55 -4.81 7.79
N LYS A 187 -22.81 -5.30 7.83
CA LYS A 187 -23.54 -5.59 9.08
C LYS A 187 -22.79 -6.60 9.99
N GLY A 188 -22.71 -6.30 11.28
CA GLY A 188 -22.07 -7.15 12.29
C GLY A 188 -20.55 -7.10 12.36
N SER A 189 -19.95 -6.34 11.43
CA SER A 189 -18.50 -6.16 11.34
C SER A 189 -18.10 -4.87 12.04
N GLU A 190 -17.15 -4.94 13.00
CA GLU A 190 -16.64 -3.77 13.73
C GLU A 190 -15.09 -3.55 13.55
N GLU A 191 -14.61 -2.34 13.85
CA GLU A 191 -13.18 -1.96 13.77
C GLU A 191 -12.75 -1.34 15.05
N GLN A 192 -11.53 -1.63 15.50
CA GLN A 192 -10.93 -1.06 16.74
C GLN A 192 -9.43 -0.88 16.60
N ARG A 193 -8.90 0.26 17.05
CA ARG A 193 -7.46 0.53 17.00
C ARG A 193 -7.03 1.36 18.19
N TYR A 194 -5.95 0.94 18.84
CA TYR A 194 -5.26 1.62 19.93
C TYR A 194 -3.79 1.65 19.55
N ALA A 195 -3.26 2.84 19.27
CA ALA A 195 -1.88 3.03 18.82
C ALA A 195 -1.18 4.15 19.58
N ILE A 196 0.09 3.94 19.88
CA ILE A 196 0.94 4.92 20.58
C ILE A 196 2.33 4.90 19.91
N ALA A 197 2.94 6.10 19.77
CA ALA A 197 4.22 6.19 19.14
C ALA A 197 5.26 7.02 19.98
N PRO A 198 6.04 6.39 20.87
CA PRO A 198 7.10 7.14 21.60
C PRO A 198 8.31 7.39 20.70
N ALA A 199 8.82 8.63 20.69
CA ALA A 199 9.98 9.03 19.90
C ALA A 199 10.91 9.90 20.74
N PHE A 200 12.23 9.84 20.50
CA PHE A 200 13.21 10.63 21.24
C PHE A 200 14.37 11.02 20.34
N THR A 201 14.70 12.32 20.26
CA THR A 201 15.81 12.80 19.45
C THR A 201 16.95 13.33 20.32
N TRP A 202 18.16 12.95 19.97
CA TRP A 202 19.34 13.47 20.61
C TRP A 202 20.12 14.20 19.53
N ARG A 203 20.18 15.52 19.65
CA ARG A 203 20.83 16.41 18.69
C ARG A 203 21.95 17.18 19.41
N PRO A 204 23.14 16.57 19.63
CA PRO A 204 24.21 17.29 20.36
C PRO A 204 24.77 18.51 19.62
N ASP A 205 24.67 18.53 18.28
CA ASP A 205 25.14 19.63 17.43
C ASP A 205 24.32 19.67 16.14
N ASP A 206 24.59 20.65 15.27
CA ASP A 206 23.89 20.84 13.99
C ASP A 206 24.31 19.82 12.92
N LYS A 207 25.25 18.91 13.23
CA LYS A 207 25.77 17.93 12.28
C LYS A 207 25.43 16.45 12.66
N THR A 208 24.96 16.20 13.89
CA THR A 208 24.61 14.89 14.42
C THR A 208 23.14 14.82 14.83
N ASN A 209 22.49 13.66 14.58
CA ASN A 209 21.09 13.41 14.98
C ASN A 209 20.85 11.92 15.18
N PHE A 210 20.49 11.53 16.41
CA PHE A 210 20.12 10.16 16.73
C PHE A 210 18.67 10.19 17.19
N THR A 211 17.80 9.51 16.45
CA THR A 211 16.39 9.54 16.84
C THR A 211 15.90 8.14 17.07
N PHE A 212 15.41 7.87 18.30
CA PHE A 212 14.76 6.63 18.70
C PHE A 212 13.31 6.67 18.22
N LEU A 213 12.90 5.67 17.45
CA LEU A 213 11.54 5.60 16.89
C LEU A 213 10.88 4.28 17.27
N SER A 214 9.69 4.34 17.90
CA SER A 214 8.95 3.15 18.27
C SER A 214 7.48 3.29 17.92
N TYR A 215 6.80 2.15 17.67
CA TYR A 215 5.39 2.13 17.28
C TYR A 215 4.70 0.90 17.89
N PHE A 216 3.59 1.10 18.61
CA PHE A 216 2.85 -0.01 19.26
C PHE A 216 1.39 0.14 18.94
N GLN A 217 0.78 -0.93 18.43
CA GLN A 217 -0.62 -0.89 18.00
C GLN A 217 -1.32 -2.22 18.28
N ASN A 218 -2.55 -2.11 18.73
CA ASN A 218 -3.40 -3.26 19.04
C ASN A 218 -4.73 -3.04 18.48
N GLU A 219 -5.16 -3.97 17.64
CA GLU A 219 -6.43 -3.97 16.95
C GLU A 219 -7.22 -5.28 17.27
N PRO A 220 -8.05 -5.27 18.36
CA PRO A 220 -8.90 -6.45 18.69
C PRO A 220 -9.82 -6.88 17.54
N GLU A 221 -10.26 -5.93 16.68
CA GLU A 221 -11.07 -6.21 15.49
C GLU A 221 -10.63 -5.28 14.36
N THR A 222 -10.37 -5.82 13.15
CA THR A 222 -9.93 -5.04 11.99
C THR A 222 -11.04 -4.93 10.92
N GLY A 223 -12.15 -5.63 11.12
CA GLY A 223 -13.30 -5.52 10.25
C GLY A 223 -13.37 -6.45 9.06
N TYR A 224 -14.29 -6.11 8.14
CA TYR A 224 -14.59 -6.88 6.95
C TYR A 224 -13.39 -7.11 6.05
N TYR A 225 -13.31 -8.33 5.50
CA TYR A 225 -12.28 -8.74 4.55
C TYR A 225 -12.82 -9.87 3.67
N GLY A 226 -14.15 -9.89 3.49
CA GLY A 226 -14.80 -10.96 2.75
C GLY A 226 -14.84 -10.77 1.26
N TRP A 227 -15.36 -11.81 0.55
CA TRP A 227 -15.50 -11.89 -0.92
C TRP A 227 -16.96 -12.01 -1.27
N LEU A 228 -17.39 -11.44 -2.42
CA LEU A 228 -18.78 -11.43 -2.87
C LEU A 228 -18.83 -11.67 -4.36
N PRO A 229 -19.87 -12.37 -4.91
CA PRO A 229 -19.88 -12.70 -6.35
C PRO A 229 -20.23 -11.55 -7.27
N LYS A 230 -19.93 -11.69 -8.57
CA LYS A 230 -20.32 -10.67 -9.56
C LYS A 230 -21.87 -10.70 -9.72
N GLU A 231 -22.49 -11.80 -9.25
CA GLU A 231 -23.92 -12.08 -9.25
C GLU A 231 -24.50 -11.56 -7.97
N GLY A 232 -25.04 -10.36 -8.08
CA GLY A 232 -25.61 -9.63 -6.96
C GLY A 232 -24.82 -8.39 -6.64
N THR A 233 -23.75 -8.09 -7.42
CA THR A 233 -22.97 -6.87 -7.18
C THR A 233 -22.82 -6.16 -8.54
N VAL A 234 -21.95 -6.69 -9.43
CA VAL A 234 -21.75 -6.14 -10.77
C VAL A 234 -23.07 -6.34 -11.55
N GLU A 235 -23.45 -7.61 -11.72
CA GLU A 235 -24.65 -8.05 -12.42
C GLU A 235 -25.77 -8.32 -11.41
N PRO A 236 -27.07 -8.24 -11.82
CA PRO A 236 -28.12 -8.60 -10.87
C PRO A 236 -28.28 -10.11 -10.75
N LEU A 237 -28.95 -10.56 -9.67
CA LEU A 237 -29.28 -11.96 -9.45
C LEU A 237 -30.32 -12.41 -10.53
N PRO A 238 -30.70 -13.73 -10.68
CA PRO A 238 -31.73 -14.09 -11.70
C PRO A 238 -33.04 -13.32 -11.46
N ASN A 239 -33.29 -13.03 -10.16
CA ASN A 239 -34.33 -12.22 -9.55
C ASN A 239 -34.43 -10.82 -10.19
N GLY A 240 -33.28 -10.28 -10.60
CA GLY A 240 -33.15 -8.94 -11.15
C GLY A 240 -32.69 -7.97 -10.08
N LYS A 241 -32.64 -8.44 -8.81
CA LYS A 241 -32.20 -7.65 -7.67
C LYS A 241 -30.66 -7.83 -7.41
N ARG A 242 -30.07 -6.94 -6.59
CA ARG A 242 -28.65 -6.94 -6.20
C ARG A 242 -28.56 -6.97 -4.69
N LEU A 243 -27.41 -7.40 -4.16
CA LEU A 243 -27.13 -7.46 -2.72
C LEU A 243 -26.86 -6.06 -2.20
N PRO A 244 -27.23 -5.72 -0.95
CA PRO A 244 -26.93 -4.34 -0.47
C PRO A 244 -25.42 -4.10 -0.30
N THR A 245 -25.02 -2.82 -0.20
CA THR A 245 -23.64 -2.40 -0.02
C THR A 245 -23.12 -2.79 1.38
N ASP A 246 -24.04 -3.03 2.36
CA ASP A 246 -23.65 -3.46 3.70
C ASP A 246 -23.75 -5.00 3.83
N PHE A 247 -23.94 -5.72 2.69
CA PHE A 247 -24.06 -7.17 2.73
C PHE A 247 -22.79 -7.87 3.27
N ASN A 248 -22.97 -8.70 4.33
CA ASN A 248 -21.92 -9.49 4.99
C ASN A 248 -22.19 -11.01 4.84
N GLU A 249 -21.38 -11.70 4.01
CA GLU A 249 -21.54 -13.14 3.79
C GLU A 249 -20.83 -14.02 4.85
N GLY A 250 -20.15 -13.40 5.81
CA GLY A 250 -19.45 -14.12 6.86
C GLY A 250 -20.35 -14.68 7.94
N ALA A 251 -19.75 -15.26 8.99
CA ALA A 251 -20.44 -15.78 10.15
C ALA A 251 -20.52 -14.70 11.20
N LYS A 252 -21.62 -14.69 11.96
CA LYS A 252 -21.82 -13.75 13.06
C LYS A 252 -20.60 -13.72 13.99
N ASN A 253 -19.91 -14.86 14.15
CA ASN A 253 -18.77 -14.89 15.05
C ASN A 253 -17.40 -14.77 14.32
N ASN A 254 -17.36 -14.21 13.07
CA ASN A 254 -16.10 -13.86 12.38
C ASN A 254 -15.34 -12.88 13.25
N THR A 255 -14.07 -13.17 13.55
CA THR A 255 -13.19 -12.29 14.33
C THR A 255 -11.89 -12.16 13.53
N TYR A 256 -11.14 -11.06 13.73
CA TYR A 256 -9.92 -10.75 12.99
C TYR A 256 -9.15 -9.73 13.77
N SER A 257 -7.99 -10.10 14.31
CA SER A 257 -7.19 -9.18 15.11
C SER A 257 -5.77 -8.96 14.53
N ARG A 258 -5.03 -7.99 15.06
CA ARG A 258 -3.64 -7.68 14.67
C ARG A 258 -2.98 -6.96 15.79
N ASN A 259 -1.71 -7.28 16.02
CA ASN A 259 -0.92 -6.62 17.06
C ASN A 259 0.45 -6.25 16.49
N GLU A 260 0.96 -5.03 16.75
CA GLU A 260 2.26 -4.59 16.18
C GLU A 260 3.12 -3.92 17.21
N LYS A 261 4.41 -4.28 17.27
CA LYS A 261 5.39 -3.69 18.19
C LYS A 261 6.66 -3.46 17.41
N MET A 262 7.23 -2.23 17.48
CA MET A 262 8.45 -1.89 16.76
C MET A 262 9.35 -1.01 17.56
N VAL A 263 10.68 -1.17 17.39
CA VAL A 263 11.68 -0.29 18.03
C VAL A 263 12.83 -0.14 17.06
N GLY A 264 13.41 1.03 17.01
CA GLY A 264 14.54 1.28 16.12
C GLY A 264 14.99 2.73 16.15
N TYR A 265 15.85 3.10 15.20
CA TYR A 265 16.39 4.44 15.16
C TYR A 265 16.80 4.87 13.75
N SER A 266 16.99 6.17 13.64
CA SER A 266 17.49 6.87 12.46
C SER A 266 18.72 7.66 12.95
N PHE A 267 19.86 7.40 12.37
CA PHE A 267 21.12 8.06 12.73
C PHE A 267 21.76 8.74 11.54
N ASP A 268 22.28 9.94 11.76
CA ASP A 268 23.03 10.62 10.71
C ASP A 268 24.09 11.51 11.34
N HIS A 269 25.27 11.46 10.78
CA HIS A 269 26.36 12.30 11.25
C HIS A 269 27.13 12.88 10.08
N GLU A 270 27.31 14.19 10.07
CA GLU A 270 28.12 14.84 9.04
C GLU A 270 29.54 15.06 9.59
N PHE A 271 30.56 14.42 8.98
CA PHE A 271 31.97 14.59 9.43
C PHE A 271 32.53 15.94 8.95
N ASN A 272 32.30 16.25 7.65
CA ASN A 272 32.74 17.46 6.95
C ASN A 272 31.90 17.64 5.67
N ASP A 273 32.36 18.49 4.73
CA ASP A 273 31.70 18.77 3.46
C ASP A 273 31.79 17.58 2.50
N THR A 274 32.76 16.68 2.72
CA THR A 274 32.94 15.51 1.87
C THR A 274 32.05 14.33 2.36
N PHE A 275 32.12 13.95 3.67
CA PHE A 275 31.51 12.72 4.20
C PHE A 275 30.40 12.87 5.25
N THR A 276 29.33 12.10 4.99
CA THR A 276 28.16 11.96 5.83
C THR A 276 27.86 10.46 5.91
N VAL A 277 27.58 9.97 7.12
CA VAL A 277 27.19 8.59 7.40
C VAL A 277 25.70 8.58 7.85
N ARG A 278 24.96 7.51 7.49
CA ARG A 278 23.55 7.27 7.86
C ARG A 278 23.36 5.84 8.24
N GLN A 279 22.49 5.61 9.22
CA GLN A 279 22.14 4.25 9.60
C GLN A 279 20.74 4.22 10.08
N ASN A 280 19.96 3.28 9.54
CA ASN A 280 18.56 3.06 9.91
C ASN A 280 18.45 1.62 10.34
N LEU A 281 17.82 1.40 11.50
CA LEU A 281 17.65 0.05 12.05
C LEU A 281 16.26 -0.06 12.67
N ARG A 282 15.62 -1.25 12.58
CA ARG A 282 14.36 -1.50 13.24
C ARG A 282 14.22 -2.98 13.59
N PHE A 283 13.69 -3.26 14.77
CA PHE A 283 13.25 -4.58 15.20
C PHE A 283 11.70 -4.51 15.36
N ALA A 284 10.96 -5.41 14.71
CA ALA A 284 9.51 -5.43 14.78
C ALA A 284 8.99 -6.85 14.92
N GLU A 285 7.90 -6.96 15.65
CA GLU A 285 7.16 -8.19 15.93
C GLU A 285 5.71 -7.91 15.62
N ASN A 286 5.12 -8.71 14.73
CA ASN A 286 3.75 -8.58 14.24
C ASN A 286 2.97 -9.86 14.48
N LYS A 287 1.70 -9.72 14.89
CA LYS A 287 0.80 -10.87 15.11
C LYS A 287 -0.54 -10.64 14.49
N THR A 288 -1.17 -11.71 13.99
CA THR A 288 -2.53 -11.69 13.43
C THR A 288 -3.20 -13.03 13.71
N SER A 289 -4.52 -12.99 13.87
CA SER A 289 -5.36 -14.17 14.05
C SER A 289 -6.75 -13.89 13.56
N GLN A 290 -7.34 -14.83 12.88
CA GLN A 290 -8.68 -14.67 12.38
C GLN A 290 -9.43 -16.00 12.40
N ASN A 291 -10.77 -15.92 12.50
CA ASN A 291 -11.77 -16.94 12.32
C ASN A 291 -12.67 -16.34 11.26
N SER A 292 -12.47 -16.69 10.00
CA SER A 292 -13.27 -16.06 8.96
C SER A 292 -13.90 -17.04 7.99
N VAL A 293 -15.25 -17.03 7.93
CA VAL A 293 -16.11 -17.65 6.93
C VAL A 293 -16.16 -16.63 5.82
N TYR A 294 -16.04 -17.03 4.55
CA TYR A 294 -16.04 -16.01 3.51
C TYR A 294 -16.64 -16.64 2.26
N GLY A 295 -16.98 -15.82 1.27
CA GLY A 295 -17.61 -16.30 0.04
C GLY A 295 -16.69 -16.86 -1.02
N TYR A 296 -17.23 -17.81 -1.81
CA TYR A 296 -16.49 -18.42 -2.90
C TYR A 296 -17.35 -18.50 -4.18
N GLY A 297 -18.19 -17.50 -4.37
CA GLY A 297 -19.08 -17.40 -5.54
C GLY A 297 -20.36 -18.21 -5.47
N VAL A 298 -21.19 -18.05 -6.52
CA VAL A 298 -22.46 -18.74 -6.67
C VAL A 298 -22.20 -20.18 -7.19
N CYS A 299 -23.19 -21.10 -6.99
CA CYS A 299 -23.04 -22.50 -7.38
C CYS A 299 -22.94 -22.71 -8.89
N SER A 300 -23.40 -21.76 -9.72
CA SER A 300 -23.22 -21.84 -11.19
C SER A 300 -21.80 -21.39 -11.63
N ASP A 301 -20.90 -21.08 -10.67
CA ASP A 301 -19.53 -20.62 -10.97
C ASP A 301 -18.58 -21.81 -11.08
N PRO A 302 -17.78 -21.91 -12.17
CA PRO A 302 -16.82 -23.03 -12.32
C PRO A 302 -15.92 -23.32 -11.09
N ALA A 303 -15.65 -22.32 -10.21
CA ALA A 303 -14.87 -22.51 -8.98
C ALA A 303 -15.51 -23.52 -8.03
N ASN A 304 -16.84 -23.73 -8.17
CA ASN A 304 -17.61 -24.59 -7.28
C ASN A 304 -18.04 -25.92 -7.97
N ALA A 305 -17.32 -26.32 -9.05
CA ALA A 305 -17.55 -27.54 -9.82
C ALA A 305 -17.45 -28.84 -9.00
N TYR A 306 -16.63 -28.88 -7.93
CA TYR A 306 -16.42 -30.07 -7.08
C TYR A 306 -17.22 -30.00 -5.80
N SER A 307 -18.04 -28.95 -5.65
CA SER A 307 -18.85 -28.80 -4.45
C SER A 307 -20.05 -29.72 -4.54
N LYS A 308 -20.25 -30.54 -3.50
CA LYS A 308 -21.37 -31.49 -3.47
C LYS A 308 -22.67 -30.72 -3.27
N GLN A 309 -22.73 -29.87 -2.20
CA GLN A 309 -23.86 -29.02 -1.84
C GLN A 309 -24.42 -28.29 -3.07
N CYS A 310 -23.52 -27.78 -3.91
CA CYS A 310 -23.87 -27.03 -5.12
C CYS A 310 -24.43 -27.94 -6.20
N ALA A 311 -23.83 -29.14 -6.36
CA ALA A 311 -24.19 -30.12 -7.38
C ALA A 311 -25.64 -30.68 -7.14
N ALA A 312 -25.99 -30.84 -5.84
CA ALA A 312 -27.27 -31.27 -5.29
C ALA A 312 -28.46 -30.39 -5.75
N LEU A 313 -28.26 -29.08 -5.80
CA LEU A 313 -29.29 -28.09 -6.14
C LEU A 313 -29.73 -28.17 -7.61
N ALA A 314 -30.94 -27.67 -7.88
CA ALA A 314 -31.52 -27.60 -9.22
C ALA A 314 -30.85 -26.49 -10.02
N PRO A 315 -30.68 -26.63 -11.37
CA PRO A 315 -30.02 -25.58 -12.17
C PRO A 315 -30.77 -24.23 -12.22
N ALA A 316 -31.86 -24.08 -11.42
CA ALA A 316 -32.68 -22.87 -11.29
C ALA A 316 -32.40 -22.15 -9.96
N ASP A 317 -31.71 -22.83 -9.02
CA ASP A 317 -31.36 -22.34 -7.69
C ASP A 317 -29.84 -22.09 -7.51
N LYS A 318 -29.00 -22.68 -8.41
CA LYS A 318 -27.53 -22.58 -8.37
C LYS A 318 -27.06 -21.11 -8.47
N GLY A 319 -27.71 -20.33 -9.34
CA GLY A 319 -27.41 -18.92 -9.60
C GLY A 319 -27.69 -17.92 -8.49
N HIS A 320 -28.37 -18.32 -7.40
CA HIS A 320 -28.65 -17.42 -6.30
C HIS A 320 -28.27 -18.01 -4.94
N TYR A 321 -27.50 -19.10 -4.95
CA TYR A 321 -27.00 -19.73 -3.72
C TYR A 321 -25.51 -19.47 -3.66
N LEU A 322 -24.98 -19.10 -2.48
CA LEU A 322 -23.56 -18.75 -2.34
C LEU A 322 -22.78 -19.78 -1.56
N ALA A 323 -21.79 -20.38 -2.26
CA ALA A 323 -20.86 -21.30 -1.65
C ALA A 323 -19.86 -20.49 -0.82
N ARG A 324 -19.57 -20.95 0.41
CA ARG A 324 -18.68 -20.32 1.37
C ARG A 324 -17.58 -21.29 1.87
N LYS A 325 -16.40 -20.75 2.31
CA LYS A 325 -15.32 -21.56 2.88
C LYS A 325 -14.88 -20.89 4.18
N TYR A 326 -13.85 -21.41 4.84
CA TYR A 326 -13.39 -20.73 6.05
C TYR A 326 -11.84 -20.83 6.25
N VAL A 327 -11.30 -19.93 7.07
CA VAL A 327 -9.88 -19.90 7.46
C VAL A 327 -9.83 -19.58 8.95
N VAL A 328 -9.08 -20.36 9.68
CA VAL A 328 -8.72 -20.14 11.09
C VAL A 328 -7.22 -19.88 11.03
N ASP A 329 -6.72 -18.79 11.64
CA ASP A 329 -5.30 -18.46 11.53
C ASP A 329 -4.72 -17.87 12.78
N ASP A 330 -3.45 -18.17 13.04
CA ASP A 330 -2.63 -17.64 14.13
C ASP A 330 -1.16 -17.55 13.64
N GLU A 331 -0.65 -16.30 13.57
CA GLU A 331 0.69 -15.94 13.09
C GLU A 331 1.42 -15.03 14.02
N LYS A 332 2.71 -15.26 14.12
CA LYS A 332 3.68 -14.46 14.84
C LYS A 332 4.89 -14.27 13.90
N LEU A 333 5.30 -13.02 13.68
CA LEU A 333 6.46 -12.77 12.85
C LEU A 333 7.42 -11.84 13.55
N GLN A 334 8.70 -12.03 13.26
CA GLN A 334 9.76 -11.14 13.77
C GLN A 334 10.53 -10.69 12.56
N ASN A 335 10.86 -9.42 12.53
CA ASN A 335 11.50 -8.74 11.41
C ASN A 335 12.64 -7.86 11.93
N PHE A 336 13.75 -7.82 11.21
CA PHE A 336 14.85 -6.96 11.60
C PHE A 336 15.49 -6.36 10.34
N SER A 337 15.81 -5.08 10.36
CA SER A 337 16.47 -4.38 9.23
C SER A 337 17.50 -3.44 9.74
N VAL A 338 18.62 -3.33 8.99
CA VAL A 338 19.72 -2.36 9.15
C VAL A 338 20.20 -1.92 7.78
N ASP A 339 20.07 -0.63 7.49
CA ASP A 339 20.65 -0.03 6.29
C ASP A 339 21.77 0.96 6.76
N THR A 340 22.99 0.81 6.23
CA THR A 340 24.15 1.64 6.61
C THR A 340 24.71 2.31 5.37
N GLN A 341 24.77 3.64 5.37
CA GLN A 341 25.25 4.39 4.21
C GLN A 341 26.38 5.36 4.50
N LEU A 342 27.26 5.50 3.52
CA LEU A 342 28.34 6.47 3.51
C LEU A 342 28.09 7.35 2.31
N GLN A 343 27.98 8.66 2.52
CA GLN A 343 27.76 9.64 1.45
C GLN A 343 29.05 10.45 1.27
N SER A 344 29.62 10.44 0.06
CA SER A 344 30.87 11.11 -0.29
C SER A 344 30.66 12.16 -1.39
N LYS A 345 30.84 13.43 -1.05
CA LYS A 345 30.68 14.54 -2.00
C LYS A 345 32.07 15.10 -2.33
N PHE A 346 32.36 15.23 -3.64
CA PHE A 346 33.65 15.71 -4.17
C PHE A 346 33.49 16.16 -5.60
N ALA A 347 34.49 16.87 -6.16
CA ALA A 347 34.46 17.32 -7.57
C ALA A 347 35.61 16.73 -8.38
N THR A 348 35.41 16.56 -9.70
CA THR A 348 36.45 16.12 -10.65
C THR A 348 36.35 17.10 -11.81
N GLY A 349 37.02 18.25 -11.62
CA GLY A 349 37.00 19.34 -12.58
C GLY A 349 35.65 20.02 -12.61
N ASP A 350 34.96 19.94 -13.75
CA ASP A 350 33.66 20.59 -13.95
C ASP A 350 32.47 19.73 -13.42
N ILE A 351 32.76 18.50 -13.00
CA ILE A 351 31.75 17.53 -12.55
C ILE A 351 31.77 17.44 -11.03
N ASP A 352 30.61 17.69 -10.42
CA ASP A 352 30.42 17.54 -8.98
C ASP A 352 29.81 16.14 -8.74
N HIS A 353 30.23 15.43 -7.68
CA HIS A 353 29.76 14.08 -7.39
C HIS A 353 29.20 13.91 -6.02
N THR A 354 28.12 13.12 -5.92
CA THR A 354 27.52 12.63 -4.68
C THR A 354 27.55 11.12 -4.84
N LEU A 355 28.49 10.49 -4.16
CA LEU A 355 28.69 9.04 -4.20
C LEU A 355 28.08 8.43 -2.96
N LEU A 356 27.20 7.43 -3.16
CA LEU A 356 26.57 6.70 -2.08
C LEU A 356 27.05 5.27 -2.15
N THR A 357 27.53 4.77 -1.02
CA THR A 357 27.97 3.39 -0.87
C THR A 357 27.26 2.87 0.37
N GLY A 358 26.53 1.76 0.25
CA GLY A 358 25.78 1.23 1.39
C GLY A 358 25.70 -0.27 1.47
N VAL A 359 25.37 -0.77 2.69
CA VAL A 359 25.14 -2.19 3.03
C VAL A 359 23.76 -2.29 3.71
N ASP A 360 22.91 -3.15 3.18
CA ASP A 360 21.53 -3.29 3.63
C ASP A 360 21.27 -4.74 4.02
N PHE A 361 20.77 -4.96 5.22
CA PHE A 361 20.47 -6.32 5.68
C PHE A 361 19.10 -6.41 6.31
N MET A 362 18.30 -7.39 5.90
CA MET A 362 17.00 -7.64 6.51
CA MET A 362 16.97 -7.65 6.46
C MET A 362 16.81 -9.15 6.72
N ARG A 363 16.08 -9.51 7.79
CA ARG A 363 15.72 -10.90 8.11
C ARG A 363 14.25 -10.90 8.58
N MET A 364 13.49 -11.86 8.12
CA MET A 364 12.08 -12.01 8.54
C MET A 364 11.81 -13.46 8.82
N ARG A 365 11.07 -13.71 9.91
CA ARG A 365 10.62 -15.03 10.31
C ARG A 365 9.12 -14.96 10.60
N ASN A 366 8.29 -15.80 9.96
CA ASN A 366 6.84 -15.86 10.17
C ASN A 366 6.37 -17.30 10.46
N ASP A 367 5.77 -17.50 11.62
CA ASP A 367 5.27 -18.81 12.06
C ASP A 367 3.73 -18.86 11.93
N ILE A 368 3.26 -19.60 10.93
CA ILE A 368 1.84 -19.77 10.58
C ILE A 368 1.27 -21.05 11.19
N ASN A 369 0.18 -20.91 11.96
CA ASN A 369 -0.57 -22.02 12.55
C ASN A 369 -2.03 -21.83 12.17
N ALA A 370 -2.39 -22.38 11.01
CA ALA A 370 -3.71 -22.23 10.41
C ALA A 370 -4.48 -23.57 10.20
N TRP A 371 -5.74 -23.41 9.73
CA TRP A 371 -6.70 -24.46 9.38
C TRP A 371 -7.60 -23.92 8.28
N PHE A 372 -7.74 -24.65 7.18
CA PHE A 372 -8.57 -24.20 6.07
C PHE A 372 -9.76 -25.09 5.87
N GLY A 373 -10.89 -24.48 5.53
CA GLY A 373 -12.10 -25.19 5.15
C GLY A 373 -12.12 -25.28 3.65
N TYR A 374 -12.26 -26.49 3.11
CA TYR A 374 -12.30 -26.68 1.67
C TYR A 374 -13.80 -26.78 1.22
N ASP A 375 -14.07 -27.33 0.02
CA ASP A 375 -15.42 -27.51 -0.50
C ASP A 375 -16.33 -28.18 0.55
N ASP A 376 -17.58 -27.69 0.68
CA ASP A 376 -18.65 -28.18 1.56
C ASP A 376 -18.25 -28.18 3.04
N SER A 377 -17.36 -27.25 3.49
CA SER A 377 -16.93 -27.11 4.91
C SER A 377 -17.81 -26.15 5.73
N VAL A 378 -18.62 -25.34 5.02
CA VAL A 378 -19.54 -24.35 5.62
C VAL A 378 -20.86 -24.34 4.76
N PRO A 379 -22.06 -24.30 5.43
CA PRO A 379 -23.35 -24.35 4.69
C PRO A 379 -23.55 -23.21 3.72
N LEU A 380 -24.29 -23.46 2.64
CA LEU A 380 -24.61 -22.47 1.60
C LEU A 380 -25.43 -21.30 2.17
N LEU A 381 -25.38 -20.14 1.49
CA LEU A 381 -26.13 -18.97 1.89
C LEU A 381 -27.05 -18.58 0.74
N ASN A 382 -28.37 -18.70 0.99
CA ASN A 382 -29.40 -18.33 0.01
C ASN A 382 -29.35 -16.82 -0.16
N LEU A 383 -29.06 -16.36 -1.38
CA LEU A 383 -28.93 -14.91 -1.63
C LEU A 383 -30.31 -14.20 -1.79
N TYR A 384 -31.43 -14.95 -1.66
CA TYR A 384 -32.81 -14.47 -1.72
C TYR A 384 -33.39 -14.26 -0.30
N ASN A 385 -32.61 -14.64 0.75
CA ASN A 385 -32.99 -14.46 2.17
C ASN A 385 -33.30 -13.00 2.50
N ASN A 399 -28.04 -13.61 10.81
CA ASN A 399 -26.72 -14.22 10.70
C ASN A 399 -26.41 -15.07 11.95
N THR A 400 -26.01 -16.34 11.74
CA THR A 400 -25.72 -17.29 12.83
C THR A 400 -24.24 -17.68 12.94
N ASP A 401 -23.87 -18.16 14.14
CA ASP A 401 -22.54 -18.62 14.52
C ASP A 401 -22.09 -19.83 13.72
N PHE A 402 -20.77 -20.06 13.68
CA PHE A 402 -20.15 -21.19 12.99
C PHE A 402 -19.17 -21.81 13.91
N ASP A 403 -19.06 -23.15 13.90
CA ASP A 403 -18.09 -23.81 14.77
C ASP A 403 -16.76 -23.84 14.04
N PHE A 404 -15.81 -23.07 14.57
CA PHE A 404 -14.45 -22.98 14.04
C PHE A 404 -13.58 -24.08 14.67
N ASN A 405 -13.85 -24.39 15.99
CA ASN A 405 -13.13 -25.38 16.81
C ASN A 405 -13.39 -26.85 16.40
N ALA A 406 -14.48 -27.11 15.68
CA ALA A 406 -14.81 -28.47 15.26
C ALA A 406 -14.39 -28.62 13.81
N LYS A 407 -13.10 -28.93 13.65
CA LYS A 407 -12.41 -29.04 12.37
C LYS A 407 -12.53 -30.46 11.83
N ASP A 408 -13.43 -30.62 10.85
CA ASP A 408 -13.80 -31.87 10.21
C ASP A 408 -12.77 -32.38 9.18
N PRO A 409 -12.19 -33.58 9.45
CA PRO A 409 -11.23 -34.18 8.51
C PRO A 409 -11.80 -34.47 7.13
N ALA A 410 -13.13 -34.50 7.00
CA ALA A 410 -13.79 -34.78 5.73
C ALA A 410 -13.72 -33.60 4.74
N ASN A 411 -13.70 -32.33 5.24
CA ASN A 411 -13.72 -31.15 4.37
C ASN A 411 -12.73 -30.02 4.78
N SER A 412 -11.99 -30.19 5.89
CA SER A 412 -11.06 -29.18 6.38
C SER A 412 -9.69 -29.81 6.74
N GLY A 413 -8.63 -28.99 6.73
CA GLY A 413 -7.25 -29.44 7.01
C GLY A 413 -6.29 -28.39 7.55
N PRO A 414 -5.21 -28.82 8.23
CA PRO A 414 -4.27 -27.84 8.79
C PRO A 414 -3.27 -27.25 7.76
N TYR A 415 -2.65 -26.13 8.15
CA TYR A 415 -1.63 -25.41 7.39
C TYR A 415 -0.70 -24.76 8.39
N ARG A 416 0.38 -25.51 8.74
CA ARG A 416 1.39 -25.10 9.71
C ARG A 416 2.75 -24.98 9.01
N ILE A 417 3.20 -23.74 8.83
CA ILE A 417 4.40 -23.36 8.11
C ILE A 417 5.27 -22.41 8.92
N LEU A 418 6.59 -22.56 8.79
CA LEU A 418 7.57 -21.62 9.33
C LEU A 418 8.35 -21.04 8.16
N ASN A 419 8.08 -19.77 7.79
CA ASN A 419 8.74 -19.09 6.66
C ASN A 419 9.90 -18.19 7.10
N LYS A 420 11.08 -18.38 6.47
CA LYS A 420 12.28 -17.58 6.75
C LYS A 420 12.78 -16.87 5.50
N GLN A 421 13.12 -15.60 5.62
CA GLN A 421 13.72 -14.80 4.54
C GLN A 421 14.85 -13.98 5.10
N LYS A 422 15.87 -13.73 4.30
CA LYS A 422 16.99 -12.89 4.70
C LYS A 422 17.57 -12.34 3.44
N GLN A 423 18.05 -11.08 3.48
CA GLN A 423 18.61 -10.46 2.29
C GLN A 423 19.72 -9.51 2.67
N THR A 424 20.84 -9.59 1.95
CA THR A 424 21.98 -8.68 2.13
C THR A 424 22.23 -8.05 0.80
N GLY A 425 22.31 -6.75 0.79
CA GLY A 425 22.59 -5.99 -0.43
C GLY A 425 23.71 -5.00 -0.25
N VAL A 426 24.56 -4.90 -1.26
CA VAL A 426 25.66 -3.93 -1.28
C VAL A 426 25.41 -3.10 -2.52
N TYR A 427 25.39 -1.78 -2.38
CA TYR A 427 25.02 -0.96 -3.53
C TYR A 427 25.86 0.30 -3.62
N VAL A 428 26.02 0.79 -4.85
CA VAL A 428 26.77 2.01 -5.19
C VAL A 428 25.90 2.87 -6.10
N GLN A 429 25.89 4.18 -5.86
CA GLN A 429 25.20 5.18 -6.66
C GLN A 429 26.02 6.47 -6.78
N ASP A 430 26.01 7.08 -7.97
CA ASP A 430 26.64 8.38 -8.22
C ASP A 430 25.69 9.34 -8.89
N GLN A 431 25.48 10.51 -8.29
CA GLN A 431 24.72 11.60 -8.89
C GLN A 431 25.77 12.63 -9.35
N ALA A 432 26.17 12.57 -10.63
CA ALA A 432 27.21 13.45 -11.16
C ALA A 432 26.61 14.60 -11.92
N GLN A 433 26.88 15.83 -11.45
CA GLN A 433 26.33 17.04 -12.08
C GLN A 433 27.40 17.80 -12.92
N TRP A 434 27.16 17.90 -14.24
CA TRP A 434 27.98 18.64 -15.19
C TRP A 434 27.12 19.75 -15.75
N ASP A 435 27.29 20.98 -15.24
CA ASP A 435 26.51 22.15 -15.64
C ASP A 435 25.02 21.88 -15.35
N LYS A 436 24.16 21.84 -16.40
CA LYS A 436 22.72 21.59 -16.29
C LYS A 436 22.37 20.09 -16.50
N VAL A 437 23.38 19.25 -16.81
CA VAL A 437 23.25 17.81 -17.03
C VAL A 437 23.52 17.05 -15.72
N LEU A 438 22.49 16.35 -15.17
CA LEU A 438 22.67 15.50 -13.99
C LEU A 438 22.55 14.05 -14.40
N VAL A 439 23.59 13.24 -14.13
CA VAL A 439 23.60 11.83 -14.46
C VAL A 439 23.51 11.01 -13.16
N THR A 440 22.52 10.06 -13.10
CA THR A 440 22.37 9.15 -11.97
C THR A 440 22.70 7.74 -12.46
N LEU A 441 23.67 7.09 -11.83
CA LEU A 441 24.07 5.75 -12.23
C LEU A 441 24.38 4.93 -11.00
N GLY A 442 23.80 3.75 -10.92
CA GLY A 442 24.02 2.92 -9.76
C GLY A 442 23.73 1.46 -10.00
N GLY A 443 24.24 0.63 -9.11
CA GLY A 443 24.04 -0.81 -9.15
C GLY A 443 23.93 -1.42 -7.77
N ARG A 444 23.27 -2.59 -7.65
CA ARG A 444 23.12 -3.30 -6.37
C ARG A 444 23.33 -4.78 -6.55
N TYR A 445 23.91 -5.41 -5.54
CA TYR A 445 24.08 -6.86 -5.54
C TYR A 445 23.41 -7.42 -4.28
N ASP A 446 22.46 -8.34 -4.47
CA ASP A 446 21.70 -8.94 -3.38
C ASP A 446 21.87 -10.43 -3.28
N TRP A 447 22.04 -10.90 -2.05
CA TRP A 447 22.00 -12.31 -1.70
C TRP A 447 20.69 -12.48 -0.90
N ALA A 448 19.63 -12.95 -1.56
CA ALA A 448 18.28 -13.19 -1.00
C ALA A 448 18.04 -14.70 -0.79
N ASP A 449 17.95 -15.15 0.46
CA ASP A 449 17.78 -16.56 0.83
C ASP A 449 16.45 -16.83 1.59
N GLN A 450 15.70 -17.83 1.13
CA GLN A 450 14.40 -18.21 1.76
C GLN A 450 14.46 -19.65 2.20
N GLU A 451 13.65 -20.01 3.19
CA GLU A 451 13.61 -21.36 3.76
C GLU A 451 12.21 -21.62 4.37
N SER A 452 11.40 -22.54 3.78
CA SER A 452 10.05 -22.81 4.28
C SER A 452 9.87 -24.22 4.81
N LEU A 453 9.55 -24.33 6.12
CA LEU A 453 9.28 -25.58 6.80
C LEU A 453 7.81 -25.84 6.92
N ASN A 454 7.32 -26.86 6.20
CA ASN A 454 5.95 -27.37 6.29
C ASN A 454 5.95 -28.38 7.45
N ARG A 455 5.49 -27.96 8.64
CA ARG A 455 5.46 -28.74 9.88
C ARG A 455 4.57 -29.99 9.78
N VAL A 456 3.63 -30.03 8.81
CA VAL A 456 2.75 -31.18 8.65
C VAL A 456 3.48 -32.24 7.82
N ALA A 457 3.99 -31.86 6.62
CA ALA A 457 4.69 -32.74 5.70
C ALA A 457 6.14 -33.04 6.16
N GLY A 458 6.67 -32.26 7.11
CA GLY A 458 8.04 -32.40 7.58
C GLY A 458 9.10 -32.05 6.55
N THR A 459 8.71 -31.39 5.41
CA THR A 459 9.61 -30.98 4.33
C THR A 459 10.04 -29.50 4.40
N THR A 460 11.27 -29.21 3.94
CA THR A 460 11.81 -27.85 3.87
C THR A 460 12.16 -27.52 2.41
N ASP A 461 11.65 -26.37 1.89
CA ASP A 461 12.00 -25.90 0.56
C ASP A 461 12.95 -24.72 0.74
N LYS A 462 14.12 -24.74 0.06
CA LYS A 462 15.14 -23.69 0.21
C LYS A 462 15.57 -23.13 -1.12
N ARG A 463 15.86 -21.83 -1.17
CA ARG A 463 16.43 -21.24 -2.37
C ARG A 463 17.25 -20.00 -2.02
N ASP A 464 18.46 -19.96 -2.55
CA ASP A 464 19.39 -18.85 -2.38
C ASP A 464 19.53 -18.15 -3.71
N ASP A 465 19.11 -16.89 -3.78
CA ASP A 465 19.17 -16.15 -5.03
C ASP A 465 20.28 -15.10 -4.97
N LYS A 466 20.91 -14.85 -6.10
CA LYS A 466 22.02 -13.85 -6.24
C LYS A 466 21.63 -13.01 -7.40
N GLN A 467 21.39 -11.74 -7.16
CA GLN A 467 20.83 -10.94 -8.23
C GLN A 467 21.46 -9.56 -8.31
N PHE A 468 21.68 -9.10 -9.56
CA PHE A 468 22.24 -7.78 -9.84
C PHE A 468 21.20 -6.90 -10.55
N THR A 469 21.03 -5.68 -10.03
CA THR A 469 20.14 -4.69 -10.64
C THR A 469 20.88 -3.37 -10.77
N TRP A 470 20.57 -2.62 -11.81
CA TRP A 470 21.17 -1.32 -12.03
C TRP A 470 20.11 -0.31 -12.55
N ARG A 471 20.41 0.99 -12.42
CA ARG A 471 19.57 2.09 -12.89
C ARG A 471 20.48 3.17 -13.48
N GLY A 472 20.13 3.66 -14.67
CA GLY A 472 20.90 4.70 -15.36
C GLY A 472 19.96 5.78 -15.82
N GLY A 473 20.23 7.03 -15.42
CA GLY A 473 19.37 8.15 -15.77
C GLY A 473 20.08 9.45 -16.06
N VAL A 474 19.37 10.37 -16.74
CA VAL A 474 19.81 11.73 -17.09
C VAL A 474 18.64 12.69 -16.92
N ASN A 475 18.88 13.86 -16.30
CA ASN A 475 17.96 15.00 -16.14
C ASN A 475 18.66 16.24 -16.68
N TYR A 476 18.02 16.97 -17.60
CA TYR A 476 18.59 18.21 -18.11
C TYR A 476 17.84 19.36 -17.44
N LEU A 477 18.52 20.07 -16.55
CA LEU A 477 17.93 21.14 -15.73
C LEU A 477 17.89 22.51 -16.46
N PHE A 478 16.77 22.88 -17.11
CA PHE A 478 16.67 24.22 -17.69
C PHE A 478 16.46 25.23 -16.56
N ASP A 479 16.95 26.47 -16.74
CA ASP A 479 16.87 27.51 -15.72
C ASP A 479 15.45 27.93 -15.37
N ASN A 480 14.49 27.82 -16.33
CA ASN A 480 13.08 28.17 -16.13
C ASN A 480 12.25 27.13 -15.30
N GLY A 481 12.85 25.99 -14.95
CA GLY A 481 12.19 24.96 -14.14
C GLY A 481 11.74 23.71 -14.89
N VAL A 482 11.82 23.73 -16.22
CA VAL A 482 11.48 22.63 -17.11
C VAL A 482 12.65 21.62 -17.06
N THR A 483 12.35 20.35 -16.73
CA THR A 483 13.40 19.33 -16.61
C THR A 483 13.03 18.04 -17.36
N PRO A 484 13.39 17.88 -18.64
CA PRO A 484 13.17 16.58 -19.29
C PRO A 484 14.14 15.55 -18.71
N TYR A 485 13.73 14.28 -18.66
CA TYR A 485 14.56 13.20 -18.12
C TYR A 485 14.24 11.86 -18.80
N PHE A 486 15.19 10.94 -18.67
CA PHE A 486 15.12 9.58 -19.18
C PHE A 486 15.80 8.64 -18.18
N SER A 487 15.31 7.41 -18.06
CA SER A 487 15.92 6.39 -17.22
C SER A 487 15.59 4.98 -17.64
N TYR A 488 16.53 4.09 -17.38
CA TYR A 488 16.36 2.66 -17.46
C TYR A 488 16.46 2.16 -16.02
N SER A 489 15.54 1.28 -15.55
CA SER A 489 15.59 0.80 -14.16
C SER A 489 15.17 -0.65 -14.03
N GLU A 490 15.75 -1.37 -13.04
CA GLU A 490 15.48 -2.80 -12.86
C GLU A 490 15.05 -3.25 -11.46
N SER A 491 14.30 -4.35 -11.43
CA SER A 491 13.91 -4.98 -10.17
C SER A 491 13.91 -6.49 -10.29
N PHE A 492 13.94 -7.18 -9.13
CA PHE A 492 13.81 -8.63 -9.08
C PHE A 492 12.93 -8.97 -7.89
N GLU A 493 12.22 -10.09 -7.96
CA GLU A 493 11.43 -10.62 -6.85
C GLU A 493 11.60 -12.11 -6.81
N PRO A 494 12.20 -12.70 -5.77
CA PRO A 494 12.22 -14.18 -5.71
C PRO A 494 10.80 -14.74 -5.71
N SER A 495 10.65 -16.00 -6.13
CA SER A 495 9.39 -16.73 -6.07
C SER A 495 9.37 -17.46 -4.75
N SER A 496 8.20 -17.80 -4.25
CA SER A 496 8.04 -18.58 -3.00
C SER A 496 7.40 -19.93 -3.37
N GLN A 497 7.04 -20.06 -4.65
CA GLN A 497 6.37 -21.21 -5.25
C GLN A 497 7.35 -22.29 -5.79
N VAL A 498 6.93 -23.55 -5.63
CA VAL A 498 7.62 -24.80 -5.98
C VAL A 498 6.99 -25.44 -7.26
N GLY A 499 7.82 -25.78 -8.24
CA GLY A 499 7.36 -26.37 -9.50
C GLY A 499 7.13 -27.87 -9.44
N LYS A 500 6.69 -28.48 -10.59
CA LYS A 500 6.45 -29.93 -10.74
C LYS A 500 7.63 -30.74 -10.18
N ASP A 501 8.87 -30.30 -10.52
CA ASP A 501 10.17 -30.90 -10.18
C ASP A 501 10.62 -30.71 -8.70
N GLY A 502 9.75 -30.20 -7.83
CA GLY A 502 10.03 -30.02 -6.40
C GLY A 502 10.92 -28.87 -5.95
N ASN A 503 11.39 -28.01 -6.89
CA ASN A 503 12.24 -26.86 -6.57
C ASN A 503 11.50 -25.51 -6.60
N ILE A 504 11.94 -24.55 -5.76
CA ILE A 504 11.41 -23.18 -5.77
C ILE A 504 11.80 -22.59 -7.14
N PHE A 505 10.86 -21.84 -7.77
CA PHE A 505 11.13 -21.23 -9.08
C PHE A 505 12.19 -20.11 -9.01
N ALA A 506 12.76 -19.76 -10.18
CA ALA A 506 13.74 -18.66 -10.26
C ALA A 506 13.00 -17.31 -10.03
N PRO A 507 13.68 -16.14 -9.85
CA PRO A 507 12.92 -14.91 -9.57
C PRO A 507 12.19 -14.34 -10.79
N SER A 508 11.22 -13.46 -10.56
CA SER A 508 10.62 -12.66 -11.61
C SER A 508 11.47 -11.37 -11.68
N LYS A 509 11.47 -10.69 -12.83
CA LYS A 509 12.25 -9.47 -13.00
C LYS A 509 11.41 -8.38 -13.62
N GLY A 510 11.80 -7.13 -13.34
CA GLY A 510 11.18 -5.92 -13.87
C GLY A 510 12.25 -5.14 -14.64
N LYS A 511 11.89 -4.63 -15.81
CA LYS A 511 12.79 -3.84 -16.66
C LYS A 511 12.00 -2.63 -17.18
N GLN A 512 12.40 -1.41 -16.83
CA GLN A 512 11.60 -0.24 -17.21
C GLN A 512 12.35 0.85 -17.96
N TYR A 513 11.70 1.39 -18.98
CA TYR A 513 12.17 2.56 -19.73
C TYR A 513 11.16 3.66 -19.45
N GLU A 514 11.62 4.86 -19.17
CA GLU A 514 10.75 6.01 -18.92
C GLU A 514 11.38 7.29 -19.44
N VAL A 515 10.55 8.14 -20.00
CA VAL A 515 10.87 9.48 -20.47
C VAL A 515 9.81 10.40 -19.85
N GLY A 516 10.22 11.57 -19.42
CA GLY A 516 9.27 12.51 -18.84
C GLY A 516 9.82 13.91 -18.72
N VAL A 517 8.99 14.81 -18.24
CA VAL A 517 9.38 16.21 -18.03
C VAL A 517 8.80 16.64 -16.69
N LYS A 518 9.65 17.21 -15.85
CA LYS A 518 9.21 17.70 -14.55
C LYS A 518 9.28 19.22 -14.57
N TYR A 519 8.16 19.89 -14.27
CA TYR A 519 8.12 21.35 -14.22
C TYR A 519 8.06 21.79 -12.76
N VAL A 520 9.23 22.20 -12.25
CA VAL A 520 9.43 22.61 -10.88
C VAL A 520 10.13 24.00 -10.91
N PRO A 521 9.37 25.12 -11.08
CA PRO A 521 10.02 26.45 -11.12
C PRO A 521 10.40 26.94 -9.73
N GLU A 522 11.62 27.47 -9.58
CA GLU A 522 12.15 27.99 -8.30
C GLU A 522 11.37 29.23 -7.78
N ASP A 523 10.77 30.03 -8.70
CA ASP A 523 10.07 31.28 -8.39
C ASP A 523 8.52 31.20 -8.38
N ARG A 524 7.89 30.02 -8.63
CA ARG A 524 6.43 29.86 -8.64
C ARG A 524 5.98 28.64 -7.80
N PRO A 525 4.81 28.68 -7.11
CA PRO A 525 4.38 27.48 -6.34
C PRO A 525 3.57 26.52 -7.23
N ILE A 526 4.28 25.85 -8.12
CA ILE A 526 3.76 24.92 -9.13
C ILE A 526 4.66 23.69 -9.24
N VAL A 527 4.07 22.50 -9.26
CA VAL A 527 4.75 21.24 -9.52
C VAL A 527 3.89 20.52 -10.54
N VAL A 528 4.40 20.34 -11.76
CA VAL A 528 3.69 19.63 -12.82
C VAL A 528 4.66 18.63 -13.39
N THR A 529 4.25 17.35 -13.49
CA THR A 529 5.12 16.29 -14.04
C THR A 529 4.37 15.49 -15.09
N GLY A 530 5.12 15.00 -16.05
CA GLY A 530 4.64 14.14 -17.11
C GLY A 530 5.63 13.02 -17.29
N ALA A 531 5.14 11.80 -17.51
CA ALA A 531 6.00 10.62 -17.70
C ALA A 531 5.29 9.57 -18.54
N VAL A 532 6.02 9.01 -19.50
CA VAL A 532 5.57 7.92 -20.36
C VAL A 532 6.57 6.79 -20.13
N TYR A 533 6.06 5.56 -19.95
CA TYR A 533 6.90 4.42 -19.60
C TYR A 533 6.49 3.13 -20.26
N ASN A 534 7.41 2.18 -20.24
CA ASN A 534 7.26 0.82 -20.71
C ASN A 534 7.89 -0.08 -19.64
N LEU A 535 7.04 -0.73 -18.84
CA LEU A 535 7.44 -1.59 -17.73
C LEU A 535 7.09 -3.04 -18.06
N THR A 536 8.07 -3.94 -17.98
CA THR A 536 7.87 -5.35 -18.31
C THR A 536 8.26 -6.24 -17.13
N LYS A 537 7.40 -7.21 -16.80
CA LYS A 537 7.65 -8.23 -15.79
C LYS A 537 7.91 -9.57 -16.49
N THR A 538 9.14 -10.07 -16.43
CA THR A 538 9.53 -11.34 -17.02
C THR A 538 9.68 -12.39 -15.92
N ASN A 539 9.54 -13.67 -16.31
CA ASN A 539 9.57 -14.90 -15.50
C ASN A 539 8.39 -14.92 -14.57
N ASN A 540 7.26 -14.51 -15.10
CA ASN A 540 5.99 -14.52 -14.40
C ASN A 540 5.40 -15.95 -14.46
N LEU A 541 4.87 -16.45 -13.34
CA LEU A 541 4.29 -17.77 -13.24
C LEU A 541 2.94 -17.84 -13.98
N MET A 542 2.76 -18.92 -14.78
CA MET A 542 1.56 -19.21 -15.59
C MET A 542 1.15 -20.69 -15.50
N ALA A 543 0.00 -21.03 -16.12
CA ALA A 543 -0.56 -22.39 -16.13
C ALA A 543 0.33 -23.34 -16.91
N ASP A 544 0.44 -24.58 -16.40
CA ASP A 544 1.18 -25.67 -17.06
C ASP A 544 0.53 -25.97 -18.42
N PRO A 545 1.25 -25.92 -19.56
CA PRO A 545 0.60 -26.24 -20.84
C PRO A 545 0.26 -27.74 -20.97
N GLU A 546 0.99 -28.61 -20.24
CA GLU A 546 0.78 -30.08 -20.24
C GLU A 546 -0.32 -30.47 -19.23
N GLY A 547 -0.89 -29.50 -18.52
CA GLY A 547 -1.97 -29.70 -17.56
C GLY A 547 -1.58 -30.42 -16.30
N SER A 548 -1.54 -29.69 -15.17
CA SER A 548 -1.28 -30.17 -13.80
C SER A 548 -1.70 -29.11 -12.74
N PHE A 549 -1.69 -29.47 -11.45
CA PHE A 549 -2.00 -28.59 -10.32
C PHE A 549 -0.82 -27.67 -9.98
N PHE A 550 0.23 -27.69 -10.83
CA PHE A 550 1.47 -26.92 -10.67
C PHE A 550 1.62 -25.89 -11.75
N SER A 551 2.17 -24.72 -11.38
CA SER A 551 2.44 -23.66 -12.32
C SER A 551 3.79 -23.91 -12.98
N VAL A 552 4.06 -23.15 -14.04
CA VAL A 552 5.26 -23.16 -14.85
C VAL A 552 5.78 -21.68 -14.91
N GLU A 553 7.11 -21.48 -15.01
CA GLU A 553 7.65 -20.13 -15.09
C GLU A 553 7.78 -19.75 -16.60
N GLY A 554 8.28 -18.55 -16.92
CA GLY A 554 8.44 -18.12 -18.32
C GLY A 554 7.45 -17.10 -18.88
N GLY A 555 6.39 -16.79 -18.12
CA GLY A 555 5.38 -15.81 -18.51
C GLY A 555 5.86 -14.38 -18.51
N GLU A 556 5.09 -13.50 -19.17
CA GLU A 556 5.43 -12.08 -19.29
C GLU A 556 4.20 -11.17 -19.26
N ILE A 557 4.29 -10.05 -18.49
CA ILE A 557 3.28 -9.00 -18.40
C ILE A 557 3.94 -7.69 -18.72
N ARG A 558 3.30 -6.87 -19.56
CA ARG A 558 3.79 -5.55 -19.96
C ARG A 558 2.77 -4.47 -19.59
N ALA A 559 3.27 -3.33 -19.09
CA ALA A 559 2.48 -2.13 -18.80
C ALA A 559 3.15 -0.93 -19.46
N ARG A 560 2.39 -0.22 -20.31
CA ARG A 560 2.78 1.03 -20.95
C ARG A 560 1.73 2.05 -20.58
N GLY A 561 2.18 3.23 -20.22
CA GLY A 561 1.24 4.26 -19.83
C GLY A 561 1.81 5.66 -19.84
N VAL A 562 0.91 6.61 -19.57
CA VAL A 562 1.15 8.06 -19.50
C VAL A 562 0.67 8.48 -18.13
N GLU A 563 1.43 9.31 -17.43
CA GLU A 563 1.06 9.77 -16.08
C GLU A 563 1.25 11.26 -15.99
N ILE A 564 0.25 11.97 -15.48
CA ILE A 564 0.35 13.40 -15.29
C ILE A 564 -0.08 13.73 -13.89
N GLU A 565 0.71 14.58 -13.20
CA GLU A 565 0.40 15.11 -11.88
C GLU A 565 0.55 16.62 -11.95
N ALA A 566 -0.34 17.36 -11.29
CA ALA A 566 -0.26 18.80 -11.24
C ALA A 566 -0.63 19.26 -9.84
N LYS A 567 0.18 20.15 -9.25
CA LYS A 567 -0.06 20.73 -7.93
C LYS A 567 0.38 22.20 -7.96
N ALA A 568 -0.54 23.12 -7.69
CA ALA A 568 -0.29 24.55 -7.79
C ALA A 568 -1.06 25.35 -6.79
N ALA A 569 -0.49 26.49 -6.39
CA ALA A 569 -1.17 27.52 -5.60
C ALA A 569 -1.58 28.56 -6.64
N LEU A 570 -2.88 28.54 -7.04
CA LEU A 570 -3.42 29.39 -8.10
C LEU A 570 -3.43 30.88 -7.71
N SER A 571 -4.01 31.14 -6.54
CA SER A 571 -4.12 32.43 -5.89
C SER A 571 -3.63 32.24 -4.46
N ALA A 572 -3.76 33.26 -3.62
CA ALA A 572 -3.37 33.17 -2.21
C ALA A 572 -4.38 32.31 -1.44
N SER A 573 -5.61 32.21 -1.97
CA SER A 573 -6.71 31.48 -1.35
C SER A 573 -7.07 30.14 -2.05
N VAL A 574 -6.68 29.98 -3.33
CA VAL A 574 -7.02 28.79 -4.12
C VAL A 574 -5.81 27.84 -4.28
N ASN A 575 -6.04 26.56 -3.95
CA ASN A 575 -5.07 25.47 -4.09
C ASN A 575 -5.64 24.34 -4.94
N VAL A 576 -4.82 23.79 -5.84
CA VAL A 576 -5.27 22.65 -6.65
C VAL A 576 -4.25 21.51 -6.62
N VAL A 577 -4.78 20.30 -6.70
CA VAL A 577 -4.07 19.03 -6.73
C VAL A 577 -4.86 18.16 -7.72
N GLY A 578 -4.17 17.39 -8.54
CA GLY A 578 -4.84 16.53 -9.50
C GLY A 578 -3.91 15.62 -10.26
N SER A 579 -4.50 14.61 -10.92
CA SER A 579 -3.74 13.65 -11.73
C SER A 579 -4.57 12.99 -12.84
N TYR A 580 -3.86 12.42 -13.80
CA TYR A 580 -4.43 11.61 -14.87
C TYR A 580 -3.50 10.46 -15.18
N THR A 581 -4.06 9.25 -15.36
CA THR A 581 -3.27 8.07 -15.71
C THR A 581 -3.89 7.28 -16.85
N TYR A 582 -3.08 6.91 -17.82
CA TYR A 582 -3.46 5.98 -18.88
C TYR A 582 -2.63 4.70 -18.66
N THR A 583 -3.26 3.55 -18.41
CA THR A 583 -2.52 2.30 -18.18
C THR A 583 -2.94 1.24 -19.18
N ASP A 584 -2.00 0.85 -20.05
CA ASP A 584 -2.20 -0.21 -21.02
C ASP A 584 -1.41 -1.47 -20.56
N ALA A 585 -2.06 -2.30 -19.74
CA ALA A 585 -1.48 -3.53 -19.21
C ALA A 585 -1.95 -4.75 -20.01
N GLU A 586 -1.05 -5.69 -20.27
CA GLU A 586 -1.39 -6.87 -21.06
C GLU A 586 -0.51 -8.08 -20.76
N TYR A 587 -1.05 -9.28 -20.93
CA TYR A 587 -0.25 -10.51 -20.88
C TYR A 587 0.32 -10.67 -22.25
N THR A 588 1.65 -10.59 -22.39
CA THR A 588 2.38 -10.73 -23.65
C THR A 588 2.79 -12.20 -23.86
N THR A 589 2.97 -12.95 -22.74
CA THR A 589 3.29 -14.38 -22.72
C THR A 589 2.59 -14.99 -21.49
N ASP A 590 1.60 -15.87 -21.73
CA ASP A 590 0.80 -16.59 -20.72
C ASP A 590 0.02 -17.72 -21.39
N THR A 591 0.13 -18.93 -20.83
CA THR A 591 -0.51 -20.16 -21.32
C THR A 591 -2.03 -19.95 -21.58
N THR A 592 -2.74 -19.35 -20.61
CA THR A 592 -4.18 -19.11 -20.66
C THR A 592 -4.56 -17.69 -21.12
N TYR A 593 -3.82 -16.64 -20.69
CA TYR A 593 -4.29 -15.26 -20.93
C TYR A 593 -3.47 -14.35 -21.88
N LYS A 594 -2.64 -14.90 -22.76
CA LYS A 594 -1.91 -14.04 -23.70
C LYS A 594 -2.92 -13.11 -24.42
N GLY A 595 -2.61 -11.81 -24.48
CA GLY A 595 -3.45 -10.79 -25.11
C GLY A 595 -4.43 -10.09 -24.19
N ASN A 596 -4.79 -10.74 -23.07
CA ASN A 596 -5.73 -10.18 -22.11
C ASN A 596 -5.12 -9.05 -21.25
N THR A 597 -5.98 -8.31 -20.53
CA THR A 597 -5.57 -7.27 -19.59
C THR A 597 -5.71 -7.86 -18.18
N PRO A 598 -4.69 -7.75 -17.30
CA PRO A 598 -4.85 -8.20 -15.91
C PRO A 598 -6.08 -7.57 -15.24
N ALA A 599 -6.69 -8.28 -14.31
CA ALA A 599 -7.88 -7.79 -13.59
C ALA A 599 -7.54 -6.61 -12.70
N GLN A 600 -8.59 -5.82 -12.31
CA GLN A 600 -8.52 -4.66 -11.40
C GLN A 600 -7.59 -3.54 -11.89
N VAL A 601 -7.34 -3.45 -13.22
CA VAL A 601 -6.44 -2.46 -13.78
C VAL A 601 -7.19 -1.61 -14.84
N PRO A 602 -7.66 -0.41 -14.46
CA PRO A 602 -8.35 0.45 -15.43
C PRO A 602 -7.42 1.09 -16.46
N LYS A 603 -7.93 1.27 -17.69
CA LYS A 603 -7.23 1.98 -18.76
C LYS A 603 -7.11 3.44 -18.39
N HIS A 604 -8.16 3.98 -17.75
CA HIS A 604 -8.24 5.38 -17.38
C HIS A 604 -8.62 5.59 -15.92
N MET A 605 -7.90 6.51 -15.26
CA MET A 605 -8.09 6.99 -13.88
C MET A 605 -7.79 8.46 -13.88
N ALA A 606 -8.41 9.23 -12.98
CA ALA A 606 -8.17 10.67 -12.84
C ALA A 606 -8.76 11.19 -11.55
N SER A 607 -8.25 12.33 -11.09
CA SER A 607 -8.68 12.98 -9.87
C SER A 607 -8.36 14.46 -9.95
N LEU A 608 -9.16 15.28 -9.24
CA LEU A 608 -8.99 16.72 -9.22
C LEU A 608 -9.59 17.25 -7.95
N TRP A 609 -8.81 18.04 -7.23
CA TRP A 609 -9.22 18.61 -5.94
C TRP A 609 -8.92 20.10 -5.94
N ALA A 610 -9.78 20.89 -5.27
CA ALA A 610 -9.58 22.33 -5.14
C ALA A 610 -10.09 22.81 -3.80
N ASP A 611 -9.41 23.78 -3.19
CA ASP A 611 -9.84 24.35 -1.92
C ASP A 611 -9.71 25.89 -1.95
N TYR A 612 -10.65 26.56 -1.25
CA TYR A 612 -10.73 28.02 -1.14
C TYR A 612 -10.69 28.39 0.31
N THR A 613 -9.77 29.28 0.67
CA THR A 613 -9.66 29.73 2.05
C THR A 613 -9.93 31.25 2.14
N PHE A 614 -10.87 31.66 2.98
CA PHE A 614 -11.22 33.06 3.19
C PHE A 614 -10.29 33.67 4.20
N PHE A 615 -9.67 34.80 3.85
CA PHE A 615 -8.71 35.48 4.73
C PHE A 615 -9.10 36.94 5.14
N ASP A 616 -10.22 37.52 4.60
CA ASP A 616 -10.49 38.92 4.93
C ASP A 616 -11.90 39.33 5.47
N GLY A 617 -13.00 38.83 4.94
CA GLY A 617 -14.29 39.29 5.44
C GLY A 617 -14.73 38.68 6.77
N PRO A 618 -16.06 38.53 7.00
CA PRO A 618 -16.53 37.85 8.22
C PRO A 618 -16.33 36.32 8.17
N LEU A 619 -16.10 35.73 6.97
CA LEU A 619 -15.85 34.28 6.80
C LEU A 619 -14.35 33.96 6.93
N SER A 620 -13.58 34.88 7.54
CA SER A 620 -12.13 34.76 7.78
C SER A 620 -11.79 33.44 8.51
N GLY A 621 -10.84 32.69 7.94
CA GLY A 621 -10.36 31.40 8.47
C GLY A 621 -11.21 30.20 8.08
N LEU A 622 -12.09 30.36 7.09
CA LEU A 622 -12.94 29.28 6.61
C LEU A 622 -12.37 28.73 5.30
N THR A 623 -12.21 27.40 5.27
CA THR A 623 -11.77 26.66 4.11
C THR A 623 -12.93 25.82 3.64
N LEU A 624 -13.16 25.86 2.34
CA LEU A 624 -14.14 25.07 1.64
C LEU A 624 -13.39 24.27 0.60
N GLY A 625 -13.64 22.96 0.54
CA GLY A 625 -12.94 22.12 -0.42
C GLY A 625 -13.76 21.00 -0.98
N THR A 626 -13.52 20.68 -2.23
CA THR A 626 -14.25 19.60 -2.90
C THR A 626 -13.35 19.00 -3.97
N GLY A 627 -13.46 17.69 -4.15
CA GLY A 627 -12.69 16.96 -5.14
C GLY A 627 -13.41 15.74 -5.67
N GLY A 628 -13.07 15.35 -6.89
CA GLY A 628 -13.64 14.19 -7.56
C GLY A 628 -12.62 13.18 -8.04
N ARG A 629 -12.87 11.89 -7.76
CA ARG A 629 -11.96 10.80 -8.15
C ARG A 629 -12.69 9.84 -9.11
N TYR A 630 -12.19 9.75 -10.34
CA TYR A 630 -12.74 8.92 -11.42
C TYR A 630 -11.87 7.68 -11.68
N THR A 631 -12.52 6.52 -11.78
CA THR A 631 -11.90 5.21 -12.09
C THR A 631 -12.63 4.66 -13.29
N GLY A 632 -11.93 4.46 -14.38
CA GLY A 632 -12.51 3.86 -15.57
C GLY A 632 -12.93 2.42 -15.33
N SER A 633 -13.33 1.74 -16.41
CA SER A 633 -13.72 0.35 -16.32
C SER A 633 -12.47 -0.52 -16.25
N SER A 634 -12.58 -1.66 -15.54
CA SER A 634 -11.54 -2.65 -15.41
C SER A 634 -12.12 -4.04 -15.75
N TYR A 635 -11.27 -5.08 -15.86
CA TYR A 635 -11.78 -6.43 -16.05
C TYR A 635 -11.88 -7.10 -14.69
N GLY A 636 -12.91 -7.91 -14.52
CA GLY A 636 -13.17 -8.58 -13.25
C GLY A 636 -12.48 -9.91 -13.07
N ASP A 637 -11.75 -10.36 -14.10
CA ASP A 637 -11.04 -11.63 -14.03
C ASP A 637 -9.90 -11.69 -15.05
N PRO A 638 -8.87 -12.55 -14.82
CA PRO A 638 -7.78 -12.64 -15.81
C PRO A 638 -8.24 -13.18 -17.18
N ALA A 639 -9.34 -13.97 -17.20
CA ALA A 639 -9.91 -14.51 -18.45
C ALA A 639 -10.59 -13.41 -19.29
N ASN A 640 -10.90 -12.25 -18.64
CA ASN A 640 -11.53 -11.05 -19.24
C ASN A 640 -12.94 -11.42 -19.75
N SER A 641 -13.66 -12.24 -18.96
CA SER A 641 -15.00 -12.73 -19.27
C SER A 641 -16.08 -11.68 -18.98
N PHE A 642 -15.79 -10.71 -18.10
CA PHE A 642 -16.70 -9.63 -17.71
C PHE A 642 -15.91 -8.38 -17.31
N LYS A 643 -16.61 -7.22 -17.26
CA LYS A 643 -16.03 -5.93 -16.90
C LYS A 643 -16.74 -5.33 -15.72
N VAL A 644 -16.01 -4.50 -14.98
CA VAL A 644 -16.52 -3.74 -13.85
C VAL A 644 -16.69 -2.32 -14.39
N GLY A 645 -17.85 -1.73 -14.14
CA GLY A 645 -18.15 -0.40 -14.65
C GLY A 645 -17.40 0.72 -13.95
N SER A 646 -17.16 1.79 -14.71
CA SER A 646 -16.55 3.02 -14.22
C SER A 646 -17.42 3.68 -13.16
N TYR A 647 -16.83 4.66 -12.44
CA TYR A 647 -17.47 5.43 -11.36
C TYR A 647 -16.68 6.69 -11.06
N THR A 648 -17.36 7.72 -10.56
CA THR A 648 -16.80 9.00 -10.13
C THR A 648 -17.30 9.22 -8.70
N VAL A 649 -16.38 9.40 -7.76
CA VAL A 649 -16.71 9.62 -6.36
C VAL A 649 -16.34 11.08 -6.04
N VAL A 650 -17.16 11.79 -5.23
CA VAL A 650 -16.92 13.19 -4.88
C VAL A 650 -16.75 13.32 -3.37
N ASP A 651 -15.69 14.01 -2.95
CA ASP A 651 -15.43 14.33 -1.53
C ASP A 651 -15.53 15.85 -1.34
N ALA A 652 -15.83 16.28 -0.11
CA ALA A 652 -15.97 17.68 0.25
C ALA A 652 -15.64 17.90 1.70
N LEU A 653 -15.11 19.09 2.03
CA LEU A 653 -14.84 19.45 3.41
C LEU A 653 -15.06 20.93 3.66
N VAL A 654 -15.45 21.25 4.90
CA VAL A 654 -15.59 22.60 5.43
C VAL A 654 -14.72 22.63 6.70
N ARG A 655 -13.73 23.53 6.73
CA ARG A 655 -12.80 23.69 7.87
C ARG A 655 -12.81 25.16 8.35
N TYR A 656 -12.81 25.37 9.69
CA TYR A 656 -12.79 26.70 10.27
C TYR A 656 -11.72 26.83 11.33
N ASP A 657 -10.74 27.70 11.09
CA ASP A 657 -9.67 28.04 12.04
C ASP A 657 -10.31 28.79 13.24
N LEU A 658 -9.98 28.38 14.47
CA LEU A 658 -10.57 29.00 15.65
C LEU A 658 -9.74 30.20 16.15
N ALA A 659 -8.77 30.69 15.34
CA ALA A 659 -7.91 31.83 15.67
C ALA A 659 -8.72 33.10 15.95
N ARG A 660 -9.80 33.33 15.17
CA ARG A 660 -10.73 34.45 15.31
C ARG A 660 -11.52 34.37 16.63
N VAL A 661 -11.61 33.17 17.24
CA VAL A 661 -12.32 32.96 18.50
C VAL A 661 -11.29 32.84 19.66
N GLY A 662 -10.06 33.29 19.38
CA GLY A 662 -8.96 33.27 20.34
C GLY A 662 -8.46 31.88 20.71
N MET A 663 -8.19 31.05 19.69
CA MET A 663 -7.69 29.67 19.78
C MET A 663 -6.95 29.34 18.50
N ALA A 664 -5.81 30.03 18.26
CA ALA A 664 -4.99 29.85 17.06
C ALA A 664 -4.32 28.49 17.08
N GLY A 665 -4.37 27.81 15.93
CA GLY A 665 -3.84 26.46 15.77
C GLY A 665 -4.93 25.42 15.89
N SER A 666 -6.00 25.76 16.65
CA SER A 666 -7.19 24.92 16.84
C SER A 666 -8.13 25.09 15.66
N ASN A 667 -8.82 24.00 15.26
CA ASN A 667 -9.78 24.03 14.15
C ASN A 667 -10.89 22.97 14.36
N VAL A 668 -11.98 23.10 13.59
CA VAL A 668 -13.15 22.24 13.60
C VAL A 668 -13.44 21.99 12.14
N ALA A 669 -13.75 20.74 11.77
CA ALA A 669 -13.98 20.43 10.37
C ALA A 669 -15.05 19.38 10.19
N LEU A 670 -15.60 19.32 8.98
CA LEU A 670 -16.59 18.35 8.60
C LEU A 670 -16.20 17.84 7.26
N HIS A 671 -15.92 16.52 7.20
CA HIS A 671 -15.53 15.84 5.97
C HIS A 671 -16.68 15.00 5.50
N VAL A 672 -16.86 14.96 4.18
CA VAL A 672 -17.89 14.15 3.56
C VAL A 672 -17.23 13.41 2.40
N ASN A 673 -17.18 12.09 2.52
CA ASN A 673 -16.59 11.21 1.51
C ASN A 673 -17.70 10.53 0.79
N ASN A 674 -17.60 10.44 -0.55
CA ASN A 674 -18.64 9.89 -1.43
C ASN A 674 -19.95 10.69 -1.18
N LEU A 675 -19.86 12.03 -1.36
CA LEU A 675 -20.95 13.00 -1.15
C LEU A 675 -22.30 12.55 -1.79
N PHE A 676 -22.28 12.13 -3.06
CA PHE A 676 -23.51 11.70 -3.74
C PHE A 676 -23.96 10.26 -3.40
N ASP A 677 -23.30 9.60 -2.42
CA ASP A 677 -23.59 8.24 -1.91
C ASP A 677 -23.79 7.20 -3.04
N ARG A 678 -22.94 7.28 -4.08
CA ARG A 678 -22.94 6.38 -5.24
C ARG A 678 -22.73 4.92 -4.81
N GLU A 679 -23.43 3.99 -5.48
CA GLU A 679 -23.33 2.55 -5.26
C GLU A 679 -22.52 1.98 -6.39
N TYR A 680 -21.34 1.44 -6.06
CA TYR A 680 -20.45 0.90 -7.07
C TYR A 680 -19.62 -0.25 -6.52
N VAL A 681 -19.17 -1.09 -7.45
CA VAL A 681 -18.27 -2.20 -7.21
C VAL A 681 -16.89 -1.57 -7.41
N ALA A 682 -16.06 -1.55 -6.34
CA ALA A 682 -14.71 -0.99 -6.42
C ALA A 682 -13.88 -1.74 -7.48
N SER A 683 -13.93 -3.09 -7.42
CA SER A 683 -13.26 -4.02 -8.35
C SER A 683 -13.67 -5.46 -8.08
N CYS A 684 -13.25 -6.36 -8.98
CA CYS A 684 -13.33 -7.82 -8.86
C CYS A 684 -11.99 -8.35 -9.27
N PHE A 685 -11.39 -9.28 -8.51
CA PHE A 685 -10.15 -9.94 -8.96
C PHE A 685 -10.52 -11.22 -9.74
N ASN A 686 -11.76 -11.71 -9.54
CA ASN A 686 -12.39 -12.87 -10.20
C ASN A 686 -13.94 -12.81 -10.06
N THR A 687 -14.66 -13.70 -10.77
CA THR A 687 -16.13 -13.82 -10.79
C THR A 687 -16.68 -14.02 -9.36
N TYR A 688 -15.89 -14.63 -8.46
CA TYR A 688 -16.25 -14.91 -7.06
C TYR A 688 -15.62 -13.94 -6.04
N GLY A 689 -14.85 -12.95 -6.51
CA GLY A 689 -14.19 -12.00 -5.61
C GLY A 689 -14.39 -10.54 -5.97
N CYS A 690 -15.54 -9.98 -5.53
CA CYS A 690 -15.96 -8.59 -5.78
C CYS A 690 -16.12 -7.83 -4.48
N PHE A 691 -15.83 -6.54 -4.54
CA PHE A 691 -15.89 -5.68 -3.36
C PHE A 691 -16.71 -4.45 -3.61
N TRP A 692 -17.74 -4.21 -2.75
CA TRP A 692 -18.57 -3.01 -2.83
C TRP A 692 -17.73 -1.81 -2.41
N GLY A 693 -17.86 -0.74 -3.16
CA GLY A 693 -17.21 0.53 -2.85
C GLY A 693 -17.72 1.10 -1.54
N ALA A 694 -17.01 2.09 -1.03
CA ALA A 694 -17.36 2.74 0.23
C ALA A 694 -18.60 3.62 0.06
N GLU A 695 -19.54 3.46 0.99
CA GLU A 695 -20.74 4.27 0.99
C GLU A 695 -20.39 5.63 1.60
N ARG A 696 -21.24 6.65 1.34
CA ARG A 696 -21.05 8.01 1.86
C ARG A 696 -20.64 7.99 3.34
N GLN A 697 -19.60 8.74 3.67
CA GLN A 697 -19.16 8.88 5.05
C GLN A 697 -19.17 10.37 5.38
N VAL A 698 -19.66 10.74 6.58
CA VAL A 698 -19.70 12.09 7.11
C VAL A 698 -18.99 12.04 8.47
N VAL A 699 -17.97 12.91 8.67
CA VAL A 699 -17.14 12.94 9.89
C VAL A 699 -16.91 14.38 10.37
N ALA A 700 -17.02 14.57 11.68
CA ALA A 700 -16.73 15.83 12.35
C ALA A 700 -15.44 15.67 13.15
N THR A 701 -14.48 16.60 12.98
CA THR A 701 -13.19 16.57 13.68
C THR A 701 -12.94 17.91 14.38
N ALA A 702 -12.52 17.84 15.64
CA ALA A 702 -12.13 18.98 16.46
C ALA A 702 -10.71 18.74 16.97
N THR A 703 -9.75 19.52 16.48
CA THR A 703 -8.34 19.38 16.87
C THR A 703 -7.88 20.68 17.56
N PHE A 704 -7.48 20.57 18.83
CA PHE A 704 -7.09 21.71 19.65
C PHE A 704 -5.59 21.71 20.00
N ARG A 705 -4.95 22.88 19.85
CA ARG A 705 -3.55 23.15 20.16
C ARG A 705 -3.45 23.94 21.45
N PHE A 706 -2.44 23.67 22.30
CA PHE A 706 -2.18 24.39 23.55
C PHE A 706 -0.75 24.96 23.60
N GLY B 1 -3.01 -22.39 -7.57
CA GLY B 1 -1.76 -22.78 -8.22
C GLY B 1 -0.55 -21.88 -7.98
N GLY B 2 -0.77 -20.75 -7.28
CA GLY B 2 0.28 -19.78 -6.96
C GLY B 2 0.39 -19.35 -5.50
N ALA B 3 1.03 -18.18 -5.27
CA ALA B 3 1.19 -17.57 -3.95
C ALA B 3 -0.06 -16.73 -3.62
N GLY B 4 -0.33 -16.56 -2.32
CA GLY B 4 -1.50 -15.81 -1.87
C GLY B 4 -1.96 -16.14 -0.46
N HIS B 5 -3.24 -15.90 -0.21
CA HIS B 5 -3.80 -16.08 1.12
C HIS B 5 -4.89 -17.12 1.20
N VAL B 6 -5.64 -17.34 0.10
CA VAL B 6 -6.77 -18.26 0.07
C VAL B 6 -6.50 -19.51 -0.86
N PRO B 7 -6.66 -20.76 -0.34
CA PRO B 7 -6.42 -21.94 -1.21
C PRO B 7 -7.24 -21.91 -2.50
N GLU B 8 -6.67 -22.38 -3.63
CA GLU B 8 -7.33 -22.42 -4.95
C GLU B 8 -8.57 -23.35 -4.91
N TYR B 9 -9.47 -23.23 -5.91
CA TYR B 9 -10.75 -23.96 -5.97
C TYR B 9 -10.59 -25.50 -5.94
N PHE B 10 -9.44 -26.03 -6.43
CA PHE B 10 -9.14 -27.46 -6.50
C PHE B 10 -8.46 -28.04 -5.25
N VAL B 11 -8.03 -27.19 -4.30
CA VAL B 11 -7.29 -27.60 -3.09
C VAL B 11 -8.20 -28.34 -2.12
N GLY B 12 -7.79 -29.57 -1.78
CA GLY B 12 -8.48 -30.47 -0.87
C GLY B 12 -7.56 -31.17 0.10
N ILE B 13 -8.09 -32.19 0.81
CA ILE B 13 -7.37 -32.98 1.83
C ILE B 13 -6.19 -33.77 1.22
N GLY B 14 -6.39 -34.34 0.03
CA GLY B 14 -5.34 -35.11 -0.65
C GLY B 14 -4.63 -34.38 -1.77
N THR B 15 -4.71 -33.03 -1.75
CA THR B 15 -4.15 -32.13 -2.76
C THR B 15 -3.04 -31.24 -2.17
N PRO B 16 -1.93 -30.94 -2.93
CA PRO B 16 -0.95 -29.96 -2.42
C PRO B 16 -1.63 -28.58 -2.24
N ILE B 17 -1.26 -27.81 -1.20
CA ILE B 17 -1.90 -26.51 -0.94
C ILE B 17 -1.18 -25.39 -1.71
N SER B 18 -1.92 -24.77 -2.67
CA SER B 18 -1.54 -23.62 -3.51
C SER B 18 -2.62 -22.50 -3.33
N PHE B 19 -2.29 -21.22 -3.65
CA PHE B 19 -3.19 -20.11 -3.35
C PHE B 19 -3.54 -19.17 -4.51
N TYR B 20 -4.56 -18.31 -4.26
CA TYR B 20 -5.09 -17.34 -5.21
C TYR B 20 -5.53 -16.02 -4.50
N GLY B 21 -5.34 -15.92 -3.17
CA GLY B 21 -5.69 -14.76 -2.37
C GLY B 21 -4.81 -13.56 -2.66
C1 PA1 C . 17.01 -16.35 14.06
C2 PA1 C . 17.86 -15.31 14.82
N2 PA1 C . 19.05 -14.83 14.09
C3 PA1 C . 18.15 -15.82 16.24
O3 PA1 C . 18.65 -14.67 16.92
C4 PA1 C . 16.84 -16.15 16.93
O4 PA1 C . 17.08 -16.65 18.24
C5 PA1 C . 16.01 -17.14 16.11
O5 PA1 C . 15.80 -16.63 14.78
C6 PA1 C . 14.63 -17.37 16.66
O6 PA1 C . 13.98 -16.13 16.89
C1 GCS C . 13.46 -15.87 18.17
C2 GCS C . 13.27 -14.34 18.36
C3 GCS C . 12.62 -14.02 19.75
C4 GCS C . 11.42 -14.92 20.04
C5 GCS C . 11.84 -16.37 19.84
C6 GCS C . 10.72 -17.36 20.10
N2 GCS C . 14.51 -13.56 18.20
O3 GCS C . 12.10 -12.70 19.91
O4 GCS C . 11.00 -14.72 21.39
O5 GCS C . 12.25 -16.57 18.48
O6 GCS C . 11.22 -18.65 20.44
C1 KDO C . 9.41 -19.56 21.82
O1A KDO C . 8.21 -19.36 21.99
O1B KDO C . 10.26 -19.63 22.82
C2 KDO C . 10.14 -19.70 20.42
C3 KDO C . 11.02 -20.92 20.34
C4 KDO C . 11.43 -21.16 18.88
O4 KDO C . 12.24 -22.33 18.71
C5 KDO C . 10.26 -21.13 17.91
O5 KDO C . 9.42 -22.27 18.08
C6 KDO C . 9.49 -19.82 18.08
O6 KDO C . 9.07 -19.71 19.45
C7 KDO C . 8.27 -19.59 17.18
O7 KDO C . 8.60 -19.93 15.83
C8 KDO C . 7.72 -18.15 17.27
O8 KDO C . 8.02 -17.34 16.14
C1 GMH C . 8.98 -23.08 16.99
C2 GMH C . 8.27 -24.14 17.84
C3 GMH C . 9.26 -25.15 18.43
C4 GMH C . 10.20 -25.71 17.36
C5 GMH C . 10.86 -24.60 16.55
C6 GMH C . 11.59 -25.13 15.33
C7 GMH C . 12.49 -24.10 14.67
O2 GMH C . 7.26 -24.80 17.09
O3 GMH C . 8.56 -26.20 19.07
O4 GMH C . 11.18 -26.52 17.99
O5 GMH C . 9.85 -23.72 16.04
O6 GMH C . 10.67 -25.65 14.38
O7 GMH C . 12.92 -24.53 13.38
C1 GMH C . 8.50 -26.93 20.29
C2 GMH C . 8.22 -28.36 20.78
C3 GMH C . 7.42 -28.32 22.09
C4 GMH C . 6.12 -27.53 21.95
C5 GMH C . 6.35 -26.20 21.24
C6 GMH C . 5.83 -24.99 22.03
C7 GMH C . 6.06 -23.65 21.31
O2 GMH C . 9.42 -29.07 20.96
O3 GMH C . 8.22 -27.81 23.15
O4 GMH C . 5.14 -28.30 21.25
O5 GMH C . 7.76 -25.98 21.08
O6 GMH C . 6.42 -24.95 23.32
O7 GMH C . 4.85 -23.02 20.92
C1 KDO C . 14.47 -21.50 17.75
O1A KDO C . 15.45 -20.83 18.01
O1B KDO C . 13.87 -21.48 16.58
C2 KDO C . 13.73 -22.51 18.73
C3 KDO C . 14.12 -23.93 18.38
C4 KDO C . 13.74 -24.90 19.51
O4 KDO C . 14.19 -26.22 19.24
C5 KDO C . 14.27 -24.42 20.86
O5 KDO C . 15.69 -24.55 20.90
C6 KDO C . 13.82 -22.98 21.14
O6 KDO C . 14.19 -22.14 20.04
C7 KDO C . 14.28 -22.27 22.42
O7 KDO C . 15.70 -22.36 22.56
C8 KDO C . 13.58 -22.75 23.69
O8 KDO C . 12.76 -21.73 24.24
C1 FTT D . 19.37 -13.50 13.97
C2 FTT D . 20.84 -13.27 13.67
C3 FTT D . 21.00 -12.23 12.59
C4 FTT D . 22.40 -11.63 12.55
C5 FTT D . 22.50 -10.22 12.00
C6 FTT D . 23.51 -9.35 12.72
C7 FTT D . 23.41 -7.88 12.37
C8 FTT D . 23.42 -6.95 13.59
C9 FTT D . 23.96 -5.54 13.30
C10 FTT D . 23.22 -4.41 14.01
C11 FTT D . 24.09 -3.63 15.00
C12 FTT D . 24.15 -2.13 14.76
C13 FTT D . 25.37 -1.48 15.38
C14 FTT D . 25.27 0.03 15.52
O2 FTT D . 18.75 -12.80 14.75
O3 FTT D . 20.74 -12.86 11.33
C1 FTT E . 19.86 -14.55 17.42
C2 FTT E . 20.25 -13.12 17.72
C3 FTT E . 20.56 -13.06 19.21
C4 FTT E . 20.43 -11.65 19.78
C5 FTT E . 21.51 -10.67 19.38
C6 FTT E . 21.35 -9.33 20.04
C7 FTT E . 22.65 -8.58 20.19
C8 FTT E . 22.51 -7.10 20.09
C9 FTT E . 22.92 -6.37 21.33
C10 FTT E . 23.96 -5.31 21.10
C11 FTT E . 23.39 -3.92 21.12
C12 FTT E . 24.45 -2.85 21.15
C13 FTT E . 24.51 -2.08 22.44
C14 FTT E . 25.37 -0.85 22.34
O2 FTT E . 20.59 -15.50 17.66
O3 FTT E . 19.62 -13.89 19.91
C1 FTT F . 14.67 -12.53 17.33
C2 FTT F . 16.13 -12.24 17.52
C3 FTT F . 16.33 -10.73 17.64
C4 FTT F . 16.40 -10.24 19.08
C5 FTT F . 15.92 -8.80 19.28
C6 FTT F . 16.91 -7.72 18.89
C7 FTT F . 16.50 -6.34 19.35
C8 FTT F . 17.32 -5.19 18.78
C9 FTT F . 16.66 -3.84 18.96
C10 FTT F . 17.55 -2.76 19.52
C11 FTT F . 16.84 -1.40 19.71
C12 FTT F . 17.67 -0.19 19.30
C13 FTT F . 17.12 1.15 19.78
C14 FTT F . 18.12 1.97 20.57
O2 FTT F . 14.13 -12.52 16.23
O3 FTT F . 17.56 -10.36 17.00
O1 DAO G . 17.02 -10.04 14.76
C1 DAO G . 17.89 -9.88 15.72
C2 DAO G . 19.28 -9.51 15.26
C3 DAO G . 20.16 -8.92 16.34
C4 DAO G . 20.63 -7.51 16.01
C5 DAO G . 20.40 -6.49 17.08
C6 DAO G . 21.37 -5.32 17.07
C7 DAO G . 20.93 -4.13 17.90
C8 DAO G . 21.78 -2.88 17.69
C9 DAO G . 21.47 -1.73 18.63
C10 DAO G . 22.46 -0.57 18.55
C11 DAO G . 22.09 0.62 19.43
C12 DAO G . 22.83 1.89 19.06
C1 FTT H . 12.51 -11.81 20.75
C2 FTT H . 11.74 -10.52 20.64
C3 FTT H . 11.93 -9.61 21.86
C4 FTT H . 12.94 -8.50 21.59
C5 FTT H . 13.28 -7.61 22.77
C6 FTT H . 14.29 -6.56 22.43
C7 FTT H . 13.87 -5.14 22.73
C8 FTT H . 14.99 -4.28 23.30
C9 FTT H . 14.89 -2.81 22.98
C10 FTT H . 15.00 -1.90 24.18
C11 FTT H . 15.94 -0.72 23.99
C12 FTT H . 15.23 0.59 23.72
C13 FTT H . 15.98 1.82 24.19
C14 FTT H . 15.07 2.97 24.55
O2 FTT H . 13.41 -12.00 21.54
O3 FTT H . 10.65 -9.07 22.19
C1 MYR I . 9.17 -8.87 22.08
O1 MYR I . 8.41 -9.41 23.01
C2 MYR I . 8.46 -7.87 21.23
C3 MYR I . 9.17 -6.52 21.05
C4 MYR I . 8.96 -5.58 22.23
C5 MYR I . 9.75 -4.28 22.16
C6 MYR I . 10.28 -3.83 23.51
C7 MYR I . 10.00 -2.38 23.83
C8 MYR I . 11.14 -1.65 24.54
C9 MYR I . 11.34 -0.20 24.09
C10 MYR I . 10.85 0.84 25.09
C11 MYR I . 10.32 2.11 24.45
C12 MYR I . 9.41 2.92 25.35
C13 MYR I . 10.05 4.18 25.92
C14 MYR I . 9.30 4.75 27.12
N1 LDA J . -0.79 -0.32 23.08
O1 LDA J . -0.87 -0.24 21.70
CM1 LDA J . 0.63 -0.57 23.46
CM2 LDA J . -1.62 -1.47 23.54
C1 LDA J . -1.17 1.00 23.73
C2 LDA J . -2.29 1.80 23.08
C3 LDA J . -2.69 2.98 23.93
C4 LDA J . -3.30 4.13 23.14
C5 LDA J . -3.39 5.42 23.90
C6 LDA J . -4.76 6.05 23.85
C7 LDA J . -4.75 7.57 23.80
C8 LDA J . -6.13 8.19 23.60
C9 LDA J . -6.11 9.69 23.33
C10 LDA J . -6.34 10.55 24.57
C11 LDA J . -6.27 12.08 24.33
C12 LDA J . -7.62 12.75 24.30
N1 LDA K . 24.86 -16.70 1.85
O1 LDA K . 23.91 -16.30 0.92
CM1 LDA K . 25.69 -17.77 1.25
CM2 LDA K . 24.17 -17.23 3.06
C1 LDA K . 25.78 -15.54 2.21
C2 LDA K . 25.21 -14.15 2.36
C3 LDA K . 26.11 -13.21 1.59
C4 LDA K . 26.72 -12.13 2.41
C5 LDA K . 27.62 -11.20 1.62
C6 LDA K . 27.60 -9.76 2.10
C7 LDA K . 28.96 -9.16 2.41
C8 LDA K . 28.89 -7.80 3.10
C9 LDA K . 29.91 -6.83 2.57
C10 LDA K . 30.23 -5.65 3.47
C11 LDA K . 30.71 -4.42 2.69
C12 LDA K . 31.55 -3.43 3.48
N1 LDA L . 29.68 -14.25 -7.97
O1 LDA L . 28.87 -14.77 -6.96
CM1 LDA L . 28.81 -13.69 -9.03
CM2 LDA L . 30.49 -15.36 -8.54
C1 LDA L . 30.61 -13.18 -7.42
C2 LDA L . 30.21 -12.50 -6.11
C3 LDA L . 29.91 -11.02 -6.32
C4 LDA L . 30.42 -10.12 -5.20
C5 LDA L . 30.61 -8.68 -5.64
C6 LDA L . 30.19 -7.66 -4.61
C7 LDA L . 31.25 -6.62 -4.35
C8 LDA L . 30.71 -5.21 -4.27
C9 LDA L . 31.47 -4.31 -3.31
C10 LDA L . 30.58 -3.44 -2.46
C11 LDA L . 30.94 -1.96 -2.46
C12 LDA L . 29.78 -1.14 -1.91
N1 LDA M . 24.89 -7.22 -19.13
O1 LDA M . 24.97 -7.90 -17.92
CM1 LDA M . 23.81 -7.84 -19.94
CM2 LDA M . 26.18 -7.38 -19.84
C1 LDA M . 24.54 -5.76 -18.90
C2 LDA M . 25.14 -5.08 -17.68
C3 LDA M . 25.17 -3.56 -17.83
C4 LDA M . 26.10 -2.88 -16.85
C5 LDA M . 25.57 -1.59 -16.25
C6 LDA M . 25.89 -1.44 -14.78
C7 LDA M . 25.79 -0.02 -14.24
C8 LDA M . 26.99 0.40 -13.41
C9 LDA M . 26.71 0.56 -11.92
C10 LDA M . 27.95 0.91 -11.05
C11 LDA M . 28.33 2.39 -11.07
C12 LDA M . 28.15 3.08 -9.73
N1 LDA N . 10.87 -5.24 -24.02
O1 LDA N . 9.49 -5.11 -23.94
CM1 LDA N . 11.17 -6.62 -24.49
CM2 LDA N . 11.47 -5.04 -22.68
C1 LDA N . 11.45 -4.25 -25.02
C2 LDA N . 10.81 -2.86 -25.09
C3 LDA N . 11.85 -1.78 -25.18
C4 LDA N . 11.29 -0.36 -25.09
C5 LDA N . 12.16 0.69 -25.77
C6 LDA N . 11.82 2.12 -25.39
C7 LDA N . 12.78 3.14 -25.98
C8 LDA N . 12.63 4.56 -25.42
C9 LDA N . 13.97 5.29 -25.25
C10 LDA N . 13.88 6.80 -25.33
C11 LDA N . 15.23 7.48 -25.24
C12 LDA N . 15.18 8.93 -24.84
N1 LDA O . 8.18 30.17 -18.30
O1 LDA O . 9.22 30.90 -18.90
CM1 LDA O . 7.01 31.08 -18.16
CM2 LDA O . 8.64 29.78 -16.94
C1 LDA O . 7.81 28.96 -19.15
C2 LDA O . 6.69 28.05 -18.68
C3 LDA O . 6.87 26.65 -19.23
C4 LDA O . 5.94 25.63 -18.58
C5 LDA O . 6.17 24.20 -19.03
C6 LDA O . 5.34 23.17 -18.26
C7 LDA O . 5.37 21.77 -18.87
C8 LDA O . 4.39 20.81 -18.22
C9 LDA O . 4.95 19.40 -18.07
C10 LDA O . 3.90 18.30 -18.08
C11 LDA O . 3.57 17.73 -19.45
C12 LDA O . 2.07 17.59 -19.68
N1 LDA P . 30.16 16.56 19.81
O1 LDA P . 30.77 15.76 20.77
CM1 LDA P . 30.96 17.81 19.67
CM2 LDA P . 28.81 16.91 20.30
C1 LDA P . 30.32 15.94 18.42
C2 LDA P . 29.37 14.84 17.98
C3 LDA P . 29.38 13.57 18.81
C4 LDA P . 28.39 12.54 18.33
C5 LDA P . 29.02 11.20 18.03
C6 LDA P . 28.02 10.14 17.56
C7 LDA P . 28.36 8.73 18.02
C8 LDA P . 27.17 7.81 18.15
C9 LDA P . 27.17 6.67 17.16
C10 LDA P . 25.81 6.03 16.98
C11 LDA P . 25.79 4.87 16.00
C12 LDA P . 24.49 4.12 16.02
N1 LDA Q . 26.57 13.82 26.79
O1 LDA Q . 26.61 14.34 25.50
CM1 LDA Q . 26.49 14.96 27.75
CM2 LDA Q . 27.81 13.06 27.04
C1 LDA Q . 25.31 12.98 27.00
C2 LDA Q . 24.87 12.08 25.85
C3 LDA Q . 23.56 11.35 26.16
C4 LDA Q . 22.81 10.85 24.94
C5 LDA Q . 22.76 9.34 24.80
C6 LDA Q . 23.57 8.79 23.64
C7 LDA Q . 22.76 7.96 22.65
C8 LDA Q . 23.59 7.15 21.65
N1 LDA R . 39.85 15.02 -6.01
O1 LDA R . 38.73 15.53 -5.36
CM1 LDA R . 41.06 15.27 -5.17
CM2 LDA R . 40.02 15.74 -7.31
C1 LDA R . 39.72 13.52 -6.24
C2 LDA R . 38.35 12.85 -6.20
C3 LDA R . 38.46 11.45 -5.58
C4 LDA R . 37.76 10.32 -6.36
C5 LDA R . 37.28 9.15 -5.49
C6 LDA R . 36.63 8.01 -6.27
C7 LDA R . 36.69 6.68 -5.54
C8 LDA R . 35.47 5.78 -5.72
C9 LDA R . 35.45 4.58 -4.77
C10 LDA R . 34.12 3.83 -4.69
C11 LDA R . 34.22 2.35 -5.01
C12 LDA R . 33.13 1.50 -4.42
N1 LDA S . 38.65 14.19 -0.81
O1 LDA S . 37.93 14.92 -1.76
CM1 LDA S . 38.52 14.88 0.50
CM2 LDA S . 40.09 14.15 -1.19
C1 LDA S . 38.05 12.79 -0.63
C2 LDA S . 37.91 11.91 -1.87
C3 LDA S . 36.64 11.08 -1.84
C4 LDA S . 36.87 9.58 -1.59
C5 LDA S . 35.58 8.79 -1.50
C6 LDA S . 35.76 7.31 -1.34
C7 LDA S . 34.55 6.60 -0.80
C8 LDA S . 34.46 5.12 -1.12
C9 LDA S . 33.83 4.28 -0.03
N1 LDA T . 39.49 13.37 4.43
O1 LDA T . 39.14 12.63 5.55
CM1 LDA T . 40.79 14.06 4.68
CM2 LDA T . 38.43 14.39 4.19
C1 LDA T . 39.61 12.46 3.21
C2 LDA T . 40.35 11.13 3.34
C3 LDA T . 39.97 10.16 2.21
C4 LDA T . 39.81 8.69 2.65
C5 LDA T . 38.49 8.36 3.35
C6 LDA T . 38.26 6.88 3.63
C7 LDA T . 36.78 6.47 3.61
C8 LDA T . 36.41 5.30 4.50
C9 LDA T . 35.86 4.09 3.75
C10 LDA T . 35.21 3.03 4.62
C1 LDA U . 24.63 18.74 -23.57
C2 LDA U . 23.40 17.87 -23.72
C3 LDA U . 23.35 16.69 -22.74
C4 LDA U . 22.24 15.67 -23.03
C5 LDA U . 20.88 16.05 -22.47
C6 LDA U . 19.78 15.05 -22.76
C7 LDA U . 18.87 14.77 -21.57
C8 LDA U . 17.64 13.95 -21.92
C9 LDA U . 16.37 14.57 -21.42
C1 LDA V . 22.59 26.06 -25.36
C2 LDA V . 23.07 24.65 -25.69
C3 LDA V . 21.94 23.67 -25.99
C4 LDA V . 21.51 22.83 -24.79
C5 LDA V . 21.15 21.39 -25.12
C6 LDA V . 19.91 20.88 -24.41
C7 LDA V . 19.69 19.38 -24.51
C8 LDA V . 18.26 18.99 -24.84
C9 LDA V . 17.72 17.89 -23.96
C10 LDA V . 16.74 16.98 -24.68
N1 LDA W . 28.83 -9.84 -10.80
O1 LDA W . 29.53 -10.47 -9.78
CM1 LDA W . 27.86 -10.80 -11.38
CM2 LDA W . 29.79 -9.42 -11.86
C1 LDA W . 28.10 -8.61 -10.29
C2 LDA W . 28.65 -7.98 -9.02
C3 LDA W . 28.28 -6.54 -9.04
C4 LDA W . 28.42 -5.86 -7.70
C5 LDA W . 27.74 -4.52 -7.67
C6 LDA W . 27.97 -3.74 -6.38
C7 LDA W . 27.61 -2.28 -6.49
N1 LDA X . 17.77 18.25 32.10
O1 LDA X . 18.33 19.11 31.16
CM1 LDA X . 16.63 18.95 32.75
CM2 LDA X . 18.80 17.93 33.13
C1 LDA X . 17.18 17.02 31.42
C2 LDA X . 18.05 16.27 30.41
C3 LDA X . 17.65 14.80 30.36
C4 LDA X . 17.59 14.23 28.95
C5 LDA X . 17.31 12.72 28.89
C6 LDA X . 18.43 11.92 28.25
C7 LDA X . 18.04 10.49 27.90
N1 LDA Y . 19.52 -3.99 -21.37
O1 LDA Y . 18.47 -4.12 -20.46
CM1 LDA Y . 19.42 -5.11 -22.34
CM2 LDA Y . 20.80 -4.10 -20.63
C1 LDA Y . 19.39 -2.70 -22.16
C2 LDA Y . 19.18 -1.44 -21.33
C3 LDA Y . 19.65 -0.23 -22.10
C4 LDA Y . 20.24 0.83 -21.23
C5 LDA Y . 19.53 2.16 -21.31
C6 LDA Y . 20.46 3.33 -21.38
C7 LDA Y . 20.24 4.38 -20.29
C8 LDA Y . 21.48 5.19 -19.98
C9 LDA Y . 21.22 6.49 -19.23
C10 LDA Y . 22.46 7.32 -18.99
C11 LDA Y . 23.25 6.94 -17.74
C12 LDA Y . 24.75 6.83 -17.98
N1 LDA Z . 20.83 -6.84 -26.55
O1 LDA Z . 21.01 -6.95 -25.16
CM1 LDA Z . 19.65 -7.65 -26.93
CM2 LDA Z . 22.05 -7.39 -27.22
C1 LDA Z . 20.54 -5.40 -26.94
C2 LDA Z . 21.48 -4.33 -26.40
C3 LDA Z . 20.82 -2.96 -26.39
C4 LDA Z . 21.66 -1.90 -25.70
C5 LDA Z . 21.20 -0.47 -25.94
C6 LDA Z . 22.32 0.56 -25.86
C7 LDA Z . 22.44 1.29 -24.52
C8 LDA Z . 23.35 2.52 -24.54
C9 LDA Z . 22.60 3.85 -24.52
C10 LDA Z . 23.37 5.00 -23.88
N1 LDA AA . 16.60 -3.23 -26.48
O1 LDA AA . 17.44 -3.67 -25.46
CM1 LDA AA . 15.35 -4.03 -26.44
CM2 LDA AA . 17.28 -3.45 -27.78
C1 LDA AA . 16.20 -1.77 -26.25
C2 LDA AA . 17.31 -0.79 -25.88
C3 LDA AA . 16.81 0.64 -25.90
C4 LDA AA . 17.93 1.68 -25.82
C5 LDA AA . 17.53 2.96 -25.10
C6 LDA AA . 18.71 3.89 -24.79
C7 LDA AA . 18.36 5.37 -24.87
C8 LDA AA . 19.46 6.30 -24.37
O13 3PH BA . 36.31 16.04 20.25
P 3PH BA . 34.87 15.77 20.60
O14 3PH BA . 34.03 17.05 20.64
O12 3PH BA . 34.69 15.08 21.97
O11 3PH BA . 34.14 14.79 19.49
C1 3PH BA . 34.83 13.86 18.63
C2 3PH BA . 34.02 12.65 18.20
O21 3PH BA . 32.93 13.08 17.32
C21 3PH BA . 32.96 12.71 16.02
O22 3PH BA . 33.80 13.07 15.24
C22 3PH BA . 31.78 11.84 15.67
C23 3PH BA . 32.14 10.39 15.36
C24 3PH BA . 31.20 9.72 14.35
C25 3PH BA . 30.92 8.25 14.62
C26 3PH BA . 30.90 7.37 13.37
C27 3PH BA . 29.78 6.31 13.38
C28 3PH BA . 30.06 5.09 12.48
C29 3PH BA . 28.93 4.07 12.45
C3 3PH BA . 33.49 11.86 19.38
O31 3PH BA . 32.49 10.91 18.95
C31 3PH BA . 32.43 9.71 19.54
O32 3PH BA . 32.02 9.54 20.66
C32 3PH BA . 32.90 8.61 18.61
C33 3PH BA . 32.12 7.30 18.72
C34 3PH BA . 32.36 6.41 17.52
C35 3PH BA . 31.81 4.99 17.61
C36 3PH BA . 32.36 4.08 16.51
C37 3PH BA . 31.48 2.89 16.13
C38 3PH BA . 32.20 1.55 16.12
C39 3PH BA . 32.16 0.79 17.45
C3A 3PH BA . 31.44 -0.55 17.38
C3B 3PH BA . 31.85 -1.52 18.47
C3C 3PH BA . 30.83 -2.62 18.74
C3D 3PH BA . 30.27 -2.58 20.16
C3E 3PH BA . 29.70 -3.91 20.65
N1 LDA CA . 14.87 -13.84 24.14
O1 LDA CA . 13.78 -13.00 24.29
CM1 LDA CA . 14.44 -15.06 23.39
CM2 LDA CA . 15.36 -14.24 25.49
C1 LDA CA . 15.96 -13.16 23.31
C2 LDA CA . 16.10 -11.65 23.44
C3 LDA CA . 17.55 -11.26 23.41
C4 LDA CA . 17.84 -10.02 22.59
C5 LDA CA . 18.08 -8.77 23.42
C6 LDA CA . 18.08 -7.50 22.61
C7 LDA CA . 19.40 -6.75 22.62
C8 LDA CA . 19.35 -5.44 23.36
C9 LDA CA . 19.77 -4.24 22.54
C10 LDA CA . 19.29 -2.90 23.09
C11 LDA CA . 20.12 -1.71 22.64
C12 LDA CA . 19.67 -0.40 23.24
N1 LDA DA . 16.06 -15.53 29.75
O1 LDA DA . 17.18 -15.76 30.55
CM1 LDA DA . 14.85 -15.50 30.62
CM2 LDA DA . 15.91 -16.64 28.77
C1 LDA DA . 16.15 -14.16 29.10
C2 LDA DA . 17.49 -13.74 28.51
C3 LDA DA . 17.36 -12.29 28.10
C4 LDA DA . 18.51 -11.80 27.25
C5 LDA DA . 19.37 -10.74 27.90
C6 LDA DA . 19.32 -9.40 27.21
C7 LDA DA . 20.52 -8.53 27.45
C8 LDA DA . 20.81 -7.57 26.31
C9 LDA DA . 21.08 -6.14 26.73
C10 LDA DA . 22.16 -5.45 25.91
C11 LDA DA . 22.27 -3.96 26.13
C12 LDA DA . 23.69 -3.45 26.05
P1 DPO EA . 17.52 -18.39 12.63
O1 DPO EA . 17.79 -17.50 13.88
O2 DPO EA . 18.32 -19.51 13.31
O3 DPO EA . 16.11 -18.79 12.13
O4 DPO EA . 18.40 -17.67 11.49
P2 DPO EA . 19.40 -16.84 10.50
O5 DPO EA . 18.55 -15.75 9.78
O6 DPO EA . 20.49 -16.24 11.44
O7 DPO EA . 20.02 -17.84 9.51
P PO4 FA . 9.49 -14.26 21.78
O1 PO4 FA . 9.18 -15.04 23.11
O2 PO4 FA . 8.42 -14.57 20.70
O3 PO4 FA . 9.66 -12.75 22.03
P1 DPO GA . 11.12 -28.14 17.90
O1 DPO GA . 11.32 -28.92 19.22
O2 DPO GA . 10.04 -28.75 16.97
O4 DPO GA . 12.54 -28.17 17.06
P2 DPO GA . 13.96 -28.25 16.19
O5 DPO GA . 14.56 -29.64 16.45
O6 DPO GA . 13.64 -28.09 14.69
O7 DPO GA . 14.91 -27.15 16.68
P PO4 HA . 4.25 -29.05 22.41
O1 PO4 HA . 3.06 -28.36 21.65
O2 PO4 HA . 4.40 -30.55 21.96
O3 PO4 HA . 4.04 -28.95 23.96
#